data_7T4T
#
_entry.id   7T4T
#
_cell.length_a   73.120
_cell.length_b   96.750
_cell.length_c   81.130
_cell.angle_alpha   90.000
_cell.angle_beta   93.580
_cell.angle_gamma   90.000
#
_symmetry.space_group_name_H-M   'P 1 21 1'
#
loop_
_entity.id
_entity.type
_entity.pdbx_description
1 polymer 'cGMP-dependent protein kinase 1'
2 non-polymer 'CYCLIC GUANOSINE MONOPHOSPHATE'
3 non-polymer "ADENOSINE-5'-TRIPHOSPHATE"
4 non-polymer 1,2-ETHANEDIOL
5 non-polymer 'CHLORIDE ION'
6 water water
#
_entity_poly.entity_id   1
_entity_poly.type   'polypeptide(L)'
_entity_poly.pdbx_seq_one_letter_code
;STGLIKHTEYMEFLKSVPTFQSLPEEILSKLADVLEETHYENGEYIIRQGARGDTFFIISKGTVNVTREDSPSEDPVFLR
TLGKGDWFGEKALQGEDVRTANVIAAEAVTCLVIDRDSFKHLIGGLDDVSNKAYEDAEAKAKYEAEAAFFANLKLSDFNI
IDTLGVGGFGRVELVQLKSEESKTFAMKILKKRHIVDTRQQEHIRSEKQIMQGAHSDFIVRLYRTFKDSKYLYMLMEACL
GGELWTILRDRGSFEDSTTRFYTACVVEAFAYLHSKGIIYRDLKPENLILDHRGYAKLVDFGFAKKIGFGKKTW(TPO)F
CGTPEYVAPEIILNKGHDISADYWSLGILMYELLTGSPPFSGPDPMKTYNIILRGIDMIEFPKKIAKNAANLIKKLCRDN
PSERLGNLKNGVKDIQKHKWFEGFNWEGLRKGTLTPPIIPSVASPTDTSNFDSFPEDNDEPPPDDNSGWDIDF
;
_entity_poly.pdbx_strand_id   A,B
#
loop_
_chem_comp.id
_chem_comp.type
_chem_comp.name
_chem_comp.formula
ATP non-polymer ADENOSINE-5'-TRIPHOSPHATE 'C10 H16 N5 O13 P3'
CL non-polymer 'CHLORIDE ION' 'Cl -1'
EDO non-polymer 1,2-ETHANEDIOL 'C2 H6 O2'
PCG non-polymer 'CYCLIC GUANOSINE MONOPHOSPHATE' 'C10 H12 N5 O7 P'
#
# COMPACT_ATOMS: atom_id res chain seq x y z
N SER A 1 16.31 -50.40 11.80
CA SER A 1 16.58 -50.34 13.23
C SER A 1 16.92 -48.90 13.70
N THR A 2 16.12 -48.35 14.64
CA THR A 2 16.28 -47.00 15.21
C THR A 2 15.94 -47.04 16.70
N GLY A 3 16.69 -46.34 17.54
CA GLY A 3 16.41 -46.21 18.96
C GLY A 3 15.01 -45.65 19.17
N LEU A 4 14.24 -46.21 20.09
CA LEU A 4 12.84 -45.82 20.31
C LEU A 4 12.62 -44.36 20.64
N ILE A 5 13.44 -43.81 21.55
CA ILE A 5 13.28 -42.42 21.96
C ILE A 5 13.51 -41.47 20.78
N LYS A 6 14.59 -41.75 19.99
CA LYS A 6 14.92 -40.96 18.82
C LYS A 6 13.88 -41.15 17.71
N HIS A 7 13.41 -42.38 17.51
CA HIS A 7 12.38 -42.66 16.52
C HIS A 7 11.10 -41.86 16.82
N THR A 8 10.76 -41.70 18.12
CA THR A 8 9.57 -40.97 18.55
C THR A 8 9.79 -39.44 18.40
N GLU A 9 11.02 -38.93 18.63
CA GLU A 9 11.32 -37.51 18.45
C GLU A 9 11.13 -37.09 16.99
N TYR A 10 11.53 -37.97 16.03
CA TYR A 10 11.37 -37.67 14.60
C TYR A 10 9.91 -37.69 14.22
N MET A 11 9.17 -38.68 14.79
CA MET A 11 7.74 -38.81 14.53
C MET A 11 7.05 -37.51 14.94
N GLU A 12 7.37 -37.03 16.16
CA GLU A 12 6.84 -35.75 16.69
C GLU A 12 7.25 -34.57 15.80
N PHE A 13 8.54 -34.53 15.40
CA PHE A 13 9.02 -33.46 14.52
C PHE A 13 8.31 -33.50 13.15
N LEU A 14 8.17 -34.69 12.54
CA LEU A 14 7.52 -34.80 11.23
C LEU A 14 6.05 -34.38 11.27
N LYS A 15 5.35 -34.63 12.40
CA LYS A 15 3.95 -34.23 12.58
C LYS A 15 3.81 -32.69 12.68
N SER A 16 4.85 -32.01 13.24
CA SER A 16 4.87 -30.56 13.39
C SER A 16 5.05 -29.84 12.03
N VAL A 17 5.54 -30.54 10.99
CA VAL A 17 5.74 -29.95 9.65
C VAL A 17 4.41 -30.08 8.89
N PRO A 18 3.77 -28.97 8.43
CA PRO A 18 2.48 -29.08 7.71
C PRO A 18 2.47 -29.98 6.47
N THR A 19 3.56 -29.97 5.70
CA THR A 19 3.73 -30.77 4.48
C THR A 19 3.55 -32.28 4.75
N PHE A 20 4.18 -32.79 5.82
CA PHE A 20 4.17 -34.21 6.18
C PHE A 20 3.13 -34.56 7.28
N GLN A 21 2.50 -33.53 7.92
CA GLN A 21 1.53 -33.69 9.01
C GLN A 21 0.37 -34.65 8.70
N SER A 22 -0.17 -34.60 7.47
CA SER A 22 -1.30 -35.44 7.09
C SER A 22 -0.94 -36.86 6.61
N LEU A 23 0.31 -37.34 6.77
CA LEU A 23 0.68 -38.70 6.35
C LEU A 23 0.22 -39.74 7.39
N PRO A 24 -0.16 -40.99 6.99
CA PRO A 24 -0.57 -41.99 8.01
C PRO A 24 0.55 -42.39 8.98
N GLU A 25 0.20 -42.67 10.25
CA GLU A 25 1.17 -43.10 11.29
C GLU A 25 2.21 -44.13 10.83
N GLU A 26 1.78 -45.16 10.07
CA GLU A 26 2.68 -46.22 9.58
C GLU A 26 3.77 -45.70 8.61
N ILE A 27 3.46 -44.65 7.81
CA ILE A 27 4.41 -44.00 6.91
C ILE A 27 5.40 -43.18 7.74
N LEU A 28 4.88 -42.33 8.64
CA LEU A 28 5.69 -41.49 9.54
C LEU A 28 6.71 -42.36 10.31
N SER A 29 6.33 -43.60 10.68
CA SER A 29 7.21 -44.58 11.35
C SER A 29 8.26 -45.14 10.39
N LYS A 30 7.89 -45.36 9.12
CA LYS A 30 8.84 -45.85 8.10
C LYS A 30 9.88 -44.76 7.82
N LEU A 31 9.43 -43.49 7.62
CA LEU A 31 10.30 -42.33 7.42
C LEU A 31 11.23 -42.16 8.61
N ALA A 32 10.66 -42.15 9.83
CA ALA A 32 11.44 -42.03 11.08
C ALA A 32 12.51 -43.11 11.21
N ASP A 33 12.29 -44.32 10.61
CA ASP A 33 13.25 -45.42 10.64
C ASP A 33 14.31 -45.32 9.53
N VAL A 34 13.88 -44.99 8.28
CA VAL A 34 14.76 -44.93 7.11
C VAL A 34 15.60 -43.67 7.06
N LEU A 35 15.12 -42.54 7.63
CA LEU A 35 15.92 -41.30 7.61
C LEU A 35 17.28 -41.41 8.33
N GLU A 36 18.20 -40.51 7.97
CA GLU A 36 19.51 -40.39 8.60
C GLU A 36 19.63 -38.98 9.16
N GLU A 37 19.94 -38.84 10.44
CA GLU A 37 20.11 -37.55 11.10
C GLU A 37 21.56 -37.10 10.90
N THR A 38 21.79 -36.08 10.05
CA THR A 38 23.15 -35.62 9.70
C THR A 38 23.35 -34.23 10.23
N HIS A 39 24.48 -34.00 10.90
CA HIS A 39 24.82 -32.70 11.46
C HIS A 39 25.84 -32.04 10.57
N TYR A 40 25.75 -30.70 10.45
CA TYR A 40 26.66 -29.93 9.61
C TYR A 40 27.10 -28.73 10.39
N GLU A 41 28.35 -28.33 10.18
CA GLU A 41 28.93 -27.16 10.81
C GLU A 41 28.64 -25.95 9.92
N ASN A 42 28.70 -24.77 10.53
CA ASN A 42 28.51 -23.52 9.83
C ASN A 42 29.59 -23.35 8.75
N GLY A 43 29.17 -23.24 7.49
CA GLY A 43 30.07 -23.08 6.34
C GLY A 43 30.07 -24.27 5.41
N GLU A 44 29.64 -25.43 5.89
CA GLU A 44 29.60 -26.63 5.06
C GLU A 44 28.58 -26.58 3.98
N TYR A 45 28.95 -27.08 2.80
CA TYR A 45 28.02 -27.22 1.70
C TYR A 45 27.24 -28.51 1.93
N ILE A 46 25.93 -28.40 2.17
CA ILE A 46 25.06 -29.57 2.31
C ILE A 46 24.87 -30.14 0.87
N ILE A 47 24.65 -29.23 -0.08
CA ILE A 47 24.48 -29.52 -1.50
C ILE A 47 25.34 -28.54 -2.29
N ARG A 48 25.98 -29.02 -3.37
CA ARG A 48 26.74 -28.19 -4.31
C ARG A 48 26.00 -28.22 -5.63
N GLN A 49 25.77 -27.05 -6.23
CA GLN A 49 25.15 -26.95 -7.56
C GLN A 49 26.00 -27.72 -8.58
N GLY A 50 25.32 -28.39 -9.52
CA GLY A 50 26.01 -29.16 -10.53
C GLY A 50 26.29 -30.60 -10.15
N ALA A 51 26.34 -30.92 -8.84
CA ALA A 51 26.63 -32.29 -8.41
C ALA A 51 25.42 -33.19 -8.64
N ARG A 52 25.66 -34.50 -8.69
CA ARG A 52 24.59 -35.46 -8.83
C ARG A 52 23.97 -35.61 -7.42
N GLY A 53 22.66 -35.80 -7.36
CA GLY A 53 21.95 -35.92 -6.10
C GLY A 53 20.91 -37.03 -6.06
N ASP A 54 20.83 -37.73 -4.92
CA ASP A 54 19.82 -38.79 -4.74
C ASP A 54 19.23 -38.80 -3.30
N THR A 55 19.26 -37.64 -2.61
CA THR A 55 18.76 -37.51 -1.24
C THR A 55 17.94 -36.21 -1.06
N PHE A 56 16.94 -36.26 -0.17
CA PHE A 56 16.03 -35.16 0.18
C PHE A 56 16.33 -34.81 1.63
N PHE A 57 16.21 -33.52 2.01
CA PHE A 57 16.54 -33.06 3.37
C PHE A 57 15.41 -32.29 3.97
N ILE A 58 15.24 -32.45 5.29
CA ILE A 58 14.28 -31.69 6.10
C ILE A 58 15.13 -31.10 7.24
N ILE A 59 15.15 -29.77 7.38
CA ILE A 59 15.95 -29.13 8.42
C ILE A 59 15.25 -29.34 9.77
N SER A 60 15.91 -30.00 10.73
CA SER A 60 15.36 -30.16 12.08
C SER A 60 16.02 -29.15 13.06
N LYS A 61 17.13 -28.50 12.66
CA LYS A 61 17.83 -27.54 13.49
C LYS A 61 18.67 -26.61 12.62
N GLY A 62 18.67 -25.31 12.94
CA GLY A 62 19.49 -24.33 12.26
C GLY A 62 18.88 -23.70 11.03
N THR A 63 19.74 -23.08 10.22
CA THR A 63 19.38 -22.39 8.98
C THR A 63 20.44 -22.66 7.94
N VAL A 64 20.06 -22.52 6.66
CA VAL A 64 20.95 -22.75 5.52
C VAL A 64 20.73 -21.62 4.56
N ASN A 65 21.72 -21.36 3.70
CA ASN A 65 21.64 -20.38 2.64
C ASN A 65 21.53 -21.10 1.33
N VAL A 66 20.64 -20.64 0.45
CA VAL A 66 20.48 -21.22 -0.88
C VAL A 66 21.01 -20.15 -1.88
N THR A 67 21.99 -20.54 -2.71
CA THR A 67 22.59 -19.67 -3.71
C THR A 67 22.62 -20.39 -5.06
N ARG A 68 22.74 -19.67 -6.12
CA ARG A 68 22.75 -20.28 -7.44
C ARG A 68 23.57 -19.41 -8.39
N GLU A 69 24.49 -20.04 -9.11
CA GLU A 69 25.32 -19.37 -10.09
C GLU A 69 24.59 -19.52 -11.44
N ASP A 70 24.38 -18.39 -12.16
CA ASP A 70 23.70 -18.42 -13.47
C ASP A 70 24.67 -18.93 -14.54
N SER A 71 25.83 -18.25 -14.69
CA SER A 71 26.94 -18.59 -15.59
C SER A 71 28.18 -18.93 -14.71
N PRO A 72 29.19 -19.70 -15.20
CA PRO A 72 30.39 -19.98 -14.38
C PRO A 72 31.20 -18.71 -14.10
N SER A 73 31.22 -17.77 -15.08
CA SER A 73 31.89 -16.48 -14.98
C SER A 73 30.86 -15.41 -14.52
N GLU A 74 30.10 -15.73 -13.45
CA GLU A 74 29.09 -14.85 -12.86
C GLU A 74 28.99 -15.02 -11.34
N ASP A 75 28.42 -13.97 -10.73
CA ASP A 75 28.25 -13.79 -9.30
C ASP A 75 27.19 -14.77 -8.76
N PRO A 76 27.52 -15.61 -7.76
CA PRO A 76 26.46 -16.45 -7.17
C PRO A 76 25.33 -15.56 -6.62
N VAL A 77 24.08 -15.88 -6.93
CA VAL A 77 22.93 -15.11 -6.47
C VAL A 77 22.35 -15.74 -5.19
N PHE A 78 22.07 -14.90 -4.18
CA PHE A 78 21.41 -15.34 -2.97
C PHE A 78 19.94 -15.52 -3.33
N LEU A 79 19.36 -16.71 -3.06
CA LEU A 79 17.95 -17.00 -3.32
C LEU A 79 17.14 -16.85 -2.05
N ARG A 80 17.50 -17.62 -1.00
CA ARG A 80 16.76 -17.57 0.23
C ARG A 80 17.47 -18.34 1.35
N THR A 81 17.05 -18.07 2.59
CA THR A 81 17.50 -18.81 3.77
C THR A 81 16.33 -19.70 4.15
N LEU A 82 16.60 -20.96 4.51
CA LEU A 82 15.62 -21.94 4.98
C LEU A 82 15.96 -22.28 6.45
N GLY A 83 14.94 -22.61 7.24
CA GLY A 83 15.11 -22.94 8.65
C GLY A 83 14.39 -24.19 9.06
N LYS A 84 14.28 -24.41 10.38
CA LYS A 84 13.63 -25.59 10.97
C LYS A 84 12.22 -25.81 10.41
N GLY A 85 11.95 -27.03 9.92
CA GLY A 85 10.67 -27.36 9.30
C GLY A 85 10.68 -27.24 7.78
N ASP A 86 11.64 -26.49 7.21
CA ASP A 86 11.79 -26.37 5.75
C ASP A 86 12.47 -27.61 5.21
N TRP A 87 12.40 -27.78 3.89
CA TRP A 87 13.02 -28.92 3.22
C TRP A 87 13.60 -28.53 1.86
N PHE A 88 14.53 -29.35 1.33
CA PHE A 88 15.18 -29.08 0.05
C PHE A 88 15.79 -30.36 -0.53
N GLY A 89 16.22 -30.28 -1.80
CA GLY A 89 16.87 -31.38 -2.49
C GLY A 89 15.97 -32.24 -3.32
N GLU A 90 14.69 -31.88 -3.48
CA GLU A 90 13.74 -32.67 -4.28
C GLU A 90 13.83 -32.46 -5.81
N LYS A 91 14.36 -31.33 -6.28
CA LYS A 91 14.45 -31.07 -7.72
C LYS A 91 15.31 -32.10 -8.50
N ALA A 92 16.42 -32.59 -7.92
CA ALA A 92 17.29 -33.58 -8.55
C ALA A 92 16.65 -35.00 -8.53
N LEU A 93 15.56 -35.19 -7.78
CA LEU A 93 14.81 -36.44 -7.71
C LEU A 93 13.56 -36.34 -8.60
N GLN A 94 13.30 -35.15 -9.24
CA GLN A 94 12.08 -34.90 -10.01
C GLN A 94 12.29 -34.19 -11.36
N GLY A 95 13.27 -34.60 -12.15
CA GLY A 95 13.45 -34.04 -13.49
C GLY A 95 14.80 -33.48 -13.86
N GLU A 96 15.66 -33.22 -12.87
CA GLU A 96 17.03 -32.72 -13.11
C GLU A 96 17.95 -33.82 -12.59
N ASP A 97 18.98 -34.29 -13.33
CA ASP A 97 19.92 -35.33 -12.78
C ASP A 97 21.14 -34.54 -12.25
N VAL A 98 20.86 -33.42 -11.57
CA VAL A 98 21.85 -32.43 -11.21
C VAL A 98 21.26 -31.48 -10.15
N ARG A 99 22.08 -31.12 -9.16
CA ARG A 99 21.67 -30.17 -8.13
C ARG A 99 21.62 -28.79 -8.80
N THR A 100 20.51 -28.06 -8.63
CA THR A 100 20.27 -26.78 -9.30
C THR A 100 20.66 -25.54 -8.46
N ALA A 101 21.19 -25.75 -7.25
CA ALA A 101 21.57 -24.65 -6.36
C ALA A 101 22.48 -25.18 -5.30
N ASN A 102 23.15 -24.28 -4.58
CA ASN A 102 23.98 -24.69 -3.43
C ASN A 102 23.17 -24.49 -2.16
N VAL A 103 23.31 -25.38 -1.17
CA VAL A 103 22.66 -25.25 0.14
C VAL A 103 23.79 -25.30 1.17
N ILE A 104 24.06 -24.15 1.81
CA ILE A 104 25.21 -24.05 2.73
C ILE A 104 24.69 -23.85 4.14
N ALA A 105 25.26 -24.55 5.13
CA ALA A 105 24.85 -24.38 6.54
C ALA A 105 25.28 -22.98 7.00
N ALA A 106 24.34 -22.24 7.62
CA ALA A 106 24.58 -20.85 8.06
C ALA A 106 24.74 -20.77 9.59
N GLU A 107 24.86 -21.93 10.24
CA GLU A 107 25.05 -22.09 11.70
C GLU A 107 25.14 -23.61 11.91
N ALA A 108 25.03 -24.12 13.16
CA ALA A 108 25.03 -25.56 13.42
C ALA A 108 23.68 -26.10 12.90
N VAL A 109 23.72 -27.06 11.96
CA VAL A 109 22.53 -27.60 11.34
C VAL A 109 22.40 -29.08 11.55
N THR A 110 21.15 -29.55 11.62
CA THR A 110 20.81 -30.95 11.59
C THR A 110 19.72 -31.10 10.56
N CYS A 111 19.91 -32.05 9.64
CA CYS A 111 18.94 -32.43 8.63
C CYS A 111 18.59 -33.87 8.84
N LEU A 112 17.33 -34.21 8.51
CA LEU A 112 16.84 -35.58 8.47
C LEU A 112 16.90 -35.89 6.97
N VAL A 113 17.85 -36.74 6.61
CA VAL A 113 18.12 -37.06 5.21
C VAL A 113 17.39 -38.33 4.81
N ILE A 114 16.66 -38.25 3.68
CA ILE A 114 15.86 -39.34 3.10
C ILE A 114 16.42 -39.69 1.72
N ASP A 115 16.58 -40.99 1.43
CA ASP A 115 17.02 -41.49 0.11
C ASP A 115 15.90 -41.38 -0.96
N ARG A 116 16.30 -41.34 -2.24
CA ARG A 116 15.39 -41.22 -3.40
C ARG A 116 14.24 -42.23 -3.42
N ASP A 117 14.53 -43.49 -3.07
CA ASP A 117 13.52 -44.55 -3.06
C ASP A 117 12.48 -44.30 -1.98
N SER A 118 12.95 -44.00 -0.74
CA SER A 118 12.08 -43.66 0.40
C SER A 118 11.28 -42.40 0.07
N PHE A 119 11.92 -41.39 -0.56
CA PHE A 119 11.24 -40.16 -0.98
C PHE A 119 10.04 -40.46 -1.90
N LYS A 120 10.17 -41.45 -2.78
CA LYS A 120 9.09 -41.81 -3.69
C LYS A 120 8.10 -42.80 -3.09
N HIS A 121 8.58 -43.79 -2.35
CA HIS A 121 7.72 -44.79 -1.74
C HIS A 121 6.89 -44.21 -0.58
N LEU A 122 7.54 -43.45 0.33
CA LEU A 122 6.90 -42.91 1.53
C LEU A 122 6.25 -41.54 1.33
N ILE A 123 7.03 -40.51 0.95
CA ILE A 123 6.51 -39.14 0.75
C ILE A 123 5.64 -39.07 -0.51
N GLY A 124 5.90 -39.92 -1.50
CA GLY A 124 5.19 -39.90 -2.77
C GLY A 124 5.90 -38.94 -3.69
N GLY A 125 5.68 -37.66 -3.45
CA GLY A 125 6.30 -36.61 -4.22
C GLY A 125 5.81 -35.23 -3.88
N LEU A 126 6.61 -34.23 -4.24
CA LEU A 126 6.33 -32.82 -4.01
C LEU A 126 6.39 -32.07 -5.36
N ASP A 127 5.87 -32.68 -6.46
CA ASP A 127 5.86 -32.02 -7.79
C ASP A 127 4.76 -30.93 -7.76
N ASP A 128 3.64 -31.22 -7.06
CA ASP A 128 2.51 -30.31 -6.86
C ASP A 128 2.66 -29.50 -5.54
N VAL A 129 3.43 -30.04 -4.56
CA VAL A 129 3.63 -29.48 -3.22
C VAL A 129 4.81 -28.47 -3.12
N SER A 130 5.89 -28.66 -3.91
CA SER A 130 7.03 -27.74 -3.88
C SER A 130 6.73 -26.41 -4.61
N ASN A 131 5.83 -26.46 -5.62
CA ASN A 131 5.40 -25.30 -6.41
C ASN A 131 4.51 -24.39 -5.57
N LYS A 132 3.68 -24.99 -4.70
CA LYS A 132 2.74 -24.27 -3.83
C LYS A 132 3.36 -23.93 -2.44
N ALA A 133 4.18 -24.84 -1.83
CA ALA A 133 4.82 -24.56 -0.52
C ALA A 133 5.76 -23.36 -0.62
N TYR A 134 6.59 -23.32 -1.69
CA TYR A 134 7.54 -22.23 -1.88
C TYR A 134 7.26 -21.37 -3.12
N GLU A 135 7.43 -20.06 -2.95
CA GLU A 135 7.27 -19.10 -4.04
C GLU A 135 8.54 -19.07 -4.90
N ASP A 136 8.53 -18.28 -6.00
CA ASP A 136 9.63 -18.18 -6.94
C ASP A 136 10.72 -17.21 -6.43
N ALA A 137 11.69 -17.74 -5.67
CA ALA A 137 12.81 -16.97 -5.12
C ALA A 137 13.77 -16.52 -6.23
N GLU A 138 13.88 -17.31 -7.34
CA GLU A 138 14.74 -16.95 -8.50
C GLU A 138 14.19 -15.69 -9.21
N ALA A 139 12.85 -15.61 -9.37
CA ALA A 139 12.16 -14.45 -9.93
C ALA A 139 12.35 -13.24 -9.03
N LYS A 140 12.19 -13.43 -7.71
CA LYS A 140 12.37 -12.35 -6.74
C LYS A 140 13.80 -11.82 -6.78
N ALA A 141 14.78 -12.73 -6.77
CA ALA A 141 16.20 -12.38 -6.82
C ALA A 141 16.55 -11.59 -8.13
N LYS A 142 15.96 -12.00 -9.26
CA LYS A 142 16.17 -11.34 -10.56
C LYS A 142 15.54 -9.92 -10.55
N TYR A 143 14.28 -9.78 -10.02
CA TYR A 143 13.59 -8.48 -9.91
C TYR A 143 14.38 -7.52 -9.02
N GLU A 144 15.00 -8.02 -7.92
CA GLU A 144 15.81 -7.19 -7.02
C GLU A 144 17.07 -6.68 -7.72
N ALA A 145 17.72 -7.56 -8.48
CA ALA A 145 18.93 -7.22 -9.24
C ALA A 145 18.57 -6.19 -10.35
N GLU A 146 17.48 -6.45 -11.08
CA GLU A 146 16.97 -5.55 -12.13
C GLU A 146 16.58 -4.21 -11.53
N ALA A 147 15.88 -4.19 -10.40
CA ALA A 147 15.46 -2.93 -9.77
C ALA A 147 16.67 -2.03 -9.43
N ALA A 148 17.77 -2.62 -8.94
CA ALA A 148 18.98 -1.87 -8.61
C ALA A 148 19.65 -1.31 -9.89
N PHE A 149 19.74 -2.16 -10.93
CA PHE A 149 20.31 -1.80 -12.23
C PHE A 149 19.55 -0.61 -12.86
N PHE A 150 18.22 -0.71 -12.93
CA PHE A 150 17.37 0.33 -13.51
C PHE A 150 17.32 1.64 -12.70
N ALA A 151 17.36 1.56 -11.35
CA ALA A 151 17.36 2.74 -10.47
C ALA A 151 18.56 3.68 -10.74
N ASN A 152 19.69 3.10 -11.16
CA ASN A 152 20.92 3.83 -11.43
C ASN A 152 21.03 4.37 -12.88
N LEU A 153 19.99 4.24 -13.71
CA LEU A 153 20.03 4.75 -15.09
C LEU A 153 19.45 6.16 -15.18
N LYS A 154 19.88 6.89 -16.21
CA LYS A 154 19.40 8.24 -16.53
C LYS A 154 19.00 8.27 -18.02
N LEU A 155 18.25 9.29 -18.44
CA LEU A 155 17.89 9.42 -19.85
C LEU A 155 19.15 9.57 -20.74
N SER A 156 20.28 10.08 -20.18
CA SER A 156 21.55 10.26 -20.91
C SER A 156 22.27 8.93 -21.22
N ASP A 157 21.83 7.78 -20.64
CA ASP A 157 22.46 6.47 -20.90
C ASP A 157 21.92 5.76 -22.14
N PHE A 158 20.94 6.37 -22.85
CA PHE A 158 20.28 5.74 -23.98
C PHE A 158 20.56 6.36 -25.34
N ASN A 159 20.50 5.51 -26.38
CA ASN A 159 20.53 5.94 -27.78
C ASN A 159 19.20 5.52 -28.38
N ILE A 160 18.59 6.34 -29.22
CA ILE A 160 17.40 5.98 -29.99
C ILE A 160 17.97 5.21 -31.17
N ILE A 161 17.41 4.06 -31.49
CA ILE A 161 17.83 3.23 -32.62
C ILE A 161 16.87 3.36 -33.78
N ASP A 162 15.58 3.14 -33.51
CA ASP A 162 14.53 3.11 -34.52
C ASP A 162 13.19 3.36 -33.84
N THR A 163 12.09 3.32 -34.60
CA THR A 163 10.74 3.53 -34.10
C THR A 163 10.02 2.23 -34.24
N LEU A 164 9.39 1.77 -33.14
CA LEU A 164 8.61 0.55 -33.12
C LEU A 164 7.22 0.86 -33.59
N GLY A 165 6.65 1.95 -33.12
CA GLY A 165 5.31 2.36 -33.53
C GLY A 165 4.86 3.67 -32.95
N VAL A 166 3.81 4.24 -33.53
CA VAL A 166 3.22 5.51 -33.08
C VAL A 166 1.74 5.29 -32.82
N GLY A 167 1.32 5.53 -31.58
CA GLY A 167 -0.06 5.43 -31.15
C GLY A 167 -0.73 6.79 -31.15
N GLY A 168 -1.97 6.82 -30.67
CA GLY A 168 -2.78 8.03 -30.61
C GLY A 168 -2.26 9.11 -29.68
N PHE A 169 -1.52 8.72 -28.61
CA PHE A 169 -1.00 9.68 -27.63
C PHE A 169 0.52 9.57 -27.36
N GLY A 170 1.30 8.93 -28.26
CA GLY A 170 2.75 8.83 -28.11
C GLY A 170 3.49 7.83 -29.00
N ARG A 171 4.81 8.07 -29.18
CA ARG A 171 5.68 7.21 -29.99
C ARG A 171 6.52 6.20 -29.16
N VAL A 172 6.63 4.96 -29.65
CA VAL A 172 7.41 3.91 -29.00
C VAL A 172 8.70 3.71 -29.83
N GLU A 173 9.82 4.06 -29.24
CA GLU A 173 11.14 3.98 -29.88
C GLU A 173 11.89 2.79 -29.39
N LEU A 174 12.75 2.22 -30.25
CA LEU A 174 13.63 1.17 -29.81
C LEU A 174 14.85 1.93 -29.32
N VAL A 175 15.24 1.69 -28.04
CA VAL A 175 16.37 2.36 -27.41
C VAL A 175 17.38 1.31 -27.01
N GLN A 176 18.61 1.74 -26.86
CA GLN A 176 19.75 0.91 -26.55
C GLN A 176 20.61 1.58 -25.52
N LEU A 177 21.23 0.82 -24.63
CA LEU A 177 22.15 1.42 -23.67
C LEU A 177 23.46 1.73 -24.37
N LYS A 178 24.01 2.94 -24.16
CA LYS A 178 25.28 3.36 -24.79
C LYS A 178 26.43 2.41 -24.43
N SER A 179 26.53 2.06 -23.13
CA SER A 179 27.57 1.16 -22.59
C SER A 179 27.43 -0.32 -23.02
N GLU A 180 26.19 -0.85 -23.13
CA GLU A 180 25.91 -2.26 -23.51
C GLU A 180 25.01 -2.34 -24.73
N GLU A 181 25.59 -2.07 -25.92
CA GLU A 181 24.88 -2.01 -27.20
C GLU A 181 23.94 -3.23 -27.50
N SER A 182 24.21 -4.42 -26.94
CA SER A 182 23.35 -5.59 -27.14
C SER A 182 22.00 -5.47 -26.38
N LYS A 183 21.95 -4.64 -25.31
CA LYS A 183 20.76 -4.43 -24.48
C LYS A 183 19.79 -3.34 -25.01
N THR A 184 18.73 -3.76 -25.74
CA THR A 184 17.71 -2.86 -26.26
C THR A 184 16.38 -2.97 -25.49
N PHE A 185 15.63 -1.85 -25.50
CA PHE A 185 14.33 -1.70 -24.83
C PHE A 185 13.36 -0.93 -25.73
N ALA A 186 12.08 -0.97 -25.39
CA ALA A 186 11.03 -0.20 -26.05
C ALA A 186 10.79 0.99 -25.10
N MET A 187 10.99 2.22 -25.59
CA MET A 187 10.77 3.43 -24.79
C MET A 187 9.51 4.14 -25.30
N LYS A 188 8.43 4.17 -24.49
CA LYS A 188 7.21 4.91 -24.86
C LYS A 188 7.39 6.35 -24.35
N ILE A 189 7.31 7.32 -25.27
CA ILE A 189 7.48 8.75 -25.00
C ILE A 189 6.12 9.44 -25.17
N LEU A 190 5.57 10.01 -24.08
CA LEU A 190 4.27 10.67 -24.09
C LEU A 190 4.48 12.14 -23.81
N LYS A 191 3.76 13.00 -24.58
CA LYS A 191 3.79 14.47 -24.43
C LYS A 191 2.91 14.78 -23.23
N LYS A 192 3.44 15.49 -22.22
CA LYS A 192 2.67 15.84 -21.02
C LYS A 192 1.39 16.64 -21.39
N ARG A 193 1.56 17.68 -22.23
CA ARG A 193 0.46 18.54 -22.70
C ARG A 193 -0.64 17.71 -23.35
N HIS A 194 -0.27 16.70 -24.17
CA HIS A 194 -1.27 15.86 -24.84
C HIS A 194 -2.08 14.98 -23.86
N ILE A 195 -1.48 14.57 -22.71
CA ILE A 195 -2.15 13.74 -21.70
C ILE A 195 -3.22 14.57 -20.95
N VAL A 196 -2.94 15.88 -20.69
CA VAL A 196 -3.88 16.78 -20.01
C VAL A 196 -5.12 17.04 -20.91
N ASP A 197 -4.87 17.48 -22.14
CA ASP A 197 -5.89 17.82 -23.15
C ASP A 197 -6.85 16.67 -23.50
N THR A 198 -6.35 15.41 -23.51
CA THR A 198 -7.19 14.24 -23.82
C THR A 198 -7.81 13.60 -22.56
N ARG A 199 -7.57 14.20 -21.36
CA ARG A 199 -8.11 13.74 -20.07
C ARG A 199 -7.66 12.29 -19.69
N GLN A 200 -6.42 11.89 -20.05
CA GLN A 200 -5.87 10.55 -19.76
C GLN A 200 -4.89 10.53 -18.57
N GLN A 201 -4.88 11.57 -17.70
CA GLN A 201 -3.96 11.63 -16.55
C GLN A 201 -4.11 10.43 -15.59
N GLU A 202 -5.35 9.96 -15.36
CA GLU A 202 -5.62 8.81 -14.48
C GLU A 202 -5.28 7.52 -15.23
N HIS A 203 -5.59 7.46 -16.54
CA HIS A 203 -5.29 6.26 -17.35
C HIS A 203 -3.77 5.98 -17.42
N ILE A 204 -2.94 7.05 -17.50
CA ILE A 204 -1.48 6.96 -17.56
C ILE A 204 -0.93 6.58 -16.19
N ARG A 205 -1.44 7.20 -15.12
CA ARG A 205 -1.07 6.90 -13.73
C ARG A 205 -1.29 5.42 -13.45
N SER A 206 -2.51 4.93 -13.70
CA SER A 206 -2.90 3.52 -13.47
C SER A 206 -2.08 2.55 -14.31
N GLU A 207 -1.86 2.87 -15.60
CA GLU A 207 -1.08 2.04 -16.52
C GLU A 207 0.35 1.84 -15.98
N LYS A 208 1.01 2.93 -15.48
CA LYS A 208 2.35 2.85 -14.88
C LYS A 208 2.35 1.98 -13.62
N GLN A 209 1.43 2.27 -12.66
CA GLN A 209 1.33 1.53 -11.40
C GLN A 209 1.16 0.04 -11.63
N ILE A 210 0.22 -0.35 -12.51
CA ILE A 210 -0.06 -1.78 -12.77
C ILE A 210 1.08 -2.45 -13.52
N MET A 211 1.51 -1.85 -14.65
CA MET A 211 2.58 -2.46 -15.47
C MET A 211 3.90 -2.53 -14.76
N GLN A 212 4.26 -1.45 -14.03
CA GLN A 212 5.53 -1.44 -13.32
C GLN A 212 5.56 -2.43 -12.18
N GLY A 213 4.45 -2.59 -11.47
CA GLY A 213 4.31 -3.55 -10.38
C GLY A 213 4.06 -4.99 -10.81
N ALA A 214 3.80 -5.24 -12.12
CA ALA A 214 3.53 -6.59 -12.61
C ALA A 214 4.81 -7.29 -13.00
N HIS A 215 4.99 -8.54 -12.50
CA HIS A 215 6.14 -9.38 -12.80
C HIS A 215 5.64 -10.71 -13.37
N SER A 216 5.37 -10.75 -14.69
CA SER A 216 4.89 -11.99 -15.33
C SER A 216 5.51 -12.13 -16.66
N ASP A 217 5.87 -13.36 -17.05
CA ASP A 217 6.48 -13.62 -18.35
C ASP A 217 5.48 -13.48 -19.52
N PHE A 218 4.17 -13.36 -19.22
CA PHE A 218 3.11 -13.19 -20.22
C PHE A 218 2.62 -11.73 -20.25
N ILE A 219 3.31 -10.82 -19.54
CA ILE A 219 2.99 -9.39 -19.52
C ILE A 219 4.27 -8.62 -19.81
N VAL A 220 4.22 -7.70 -20.80
CA VAL A 220 5.38 -6.86 -21.15
C VAL A 220 5.84 -6.09 -19.87
N ARG A 221 7.14 -6.15 -19.54
N ARG A 221 7.14 -6.15 -19.54
CA ARG A 221 7.63 -5.48 -18.35
CA ARG A 221 7.64 -5.48 -18.35
C ARG A 221 7.78 -3.97 -18.58
C ARG A 221 7.77 -3.98 -18.58
N LEU A 222 7.45 -3.19 -17.56
CA LEU A 222 7.70 -1.74 -17.52
C LEU A 222 8.77 -1.67 -16.43
N TYR A 223 10.03 -1.53 -16.83
CA TYR A 223 11.14 -1.52 -15.87
C TYR A 223 11.11 -0.29 -15.00
N ARG A 224 10.87 0.86 -15.62
CA ARG A 224 10.79 2.10 -14.89
C ARG A 224 10.35 3.19 -15.83
N THR A 225 10.17 4.39 -15.27
CA THR A 225 9.84 5.57 -16.04
C THR A 225 10.85 6.68 -15.71
N PHE A 226 10.93 7.66 -16.61
CA PHE A 226 11.71 8.88 -16.41
C PHE A 226 10.78 10.01 -16.82
N LYS A 227 11.17 11.24 -16.53
CA LYS A 227 10.36 12.40 -16.89
C LYS A 227 11.25 13.62 -16.98
N ASP A 228 10.93 14.53 -17.92
CA ASP A 228 11.64 15.80 -18.07
C ASP A 228 10.58 16.93 -18.05
N SER A 229 10.84 18.11 -18.64
CA SER A 229 9.89 19.23 -18.64
C SER A 229 8.63 18.99 -19.46
N LYS A 230 8.73 18.37 -20.65
CA LYS A 230 7.57 18.18 -21.54
C LYS A 230 7.11 16.72 -21.73
N TYR A 231 7.93 15.72 -21.39
CA TYR A 231 7.55 14.33 -21.63
C TYR A 231 7.70 13.37 -20.44
N LEU A 232 6.99 12.26 -20.55
CA LEU A 232 7.02 11.09 -19.68
C LEU A 232 7.66 10.00 -20.54
N TYR A 233 8.54 9.19 -19.94
CA TYR A 233 9.27 8.12 -20.64
C TYR A 233 9.06 6.83 -19.91
N MET A 234 8.60 5.79 -20.62
CA MET A 234 8.33 4.49 -20.04
C MET A 234 9.27 3.45 -20.64
N LEU A 235 10.27 3.00 -19.85
CA LEU A 235 11.22 2.00 -20.30
C LEU A 235 10.61 0.61 -20.17
N MET A 236 10.33 -0.04 -21.30
CA MET A 236 9.74 -1.36 -21.34
C MET A 236 10.61 -2.41 -22.03
N GLU A 237 10.23 -3.66 -21.83
CA GLU A 237 10.79 -4.82 -22.51
C GLU A 237 10.47 -4.70 -24.02
N ALA A 238 11.48 -4.86 -24.90
CA ALA A 238 11.27 -4.82 -26.35
C ALA A 238 10.87 -6.22 -26.82
N CYS A 239 9.71 -6.34 -27.43
CA CYS A 239 9.17 -7.60 -27.96
C CYS A 239 9.24 -7.48 -29.48
N LEU A 240 10.31 -8.03 -30.09
CA LEU A 240 10.62 -7.86 -31.51
C LEU A 240 9.98 -8.88 -32.47
N GLY A 241 9.17 -9.80 -31.96
CA GLY A 241 8.46 -10.74 -32.82
C GLY A 241 7.32 -10.09 -33.61
N GLY A 242 6.79 -8.98 -33.10
CA GLY A 242 5.71 -8.25 -33.75
C GLY A 242 4.40 -8.32 -33.01
N GLU A 243 3.39 -7.62 -33.54
CA GLU A 243 2.05 -7.58 -32.96
C GLU A 243 1.26 -8.79 -33.50
N LEU A 244 0.47 -9.47 -32.66
CA LEU A 244 -0.33 -10.62 -33.11
C LEU A 244 -1.37 -10.22 -34.20
N TRP A 245 -1.92 -8.97 -34.16
CA TRP A 245 -2.93 -8.53 -35.16
C TRP A 245 -2.35 -8.50 -36.62
N THR A 246 -1.10 -8.04 -36.81
CA THR A 246 -0.48 -8.05 -38.14
C THR A 246 -0.23 -9.49 -38.61
N ILE A 247 0.21 -10.40 -37.71
CA ILE A 247 0.46 -11.80 -38.08
C ILE A 247 -0.88 -12.45 -38.51
N LEU A 248 -2.00 -12.16 -37.76
CA LEU A 248 -3.34 -12.68 -38.06
C LEU A 248 -3.83 -12.15 -39.41
N ARG A 249 -3.71 -10.83 -39.64
CA ARG A 249 -4.07 -10.18 -40.90
C ARG A 249 -3.34 -10.87 -42.08
N ASP A 250 -2.03 -11.17 -41.93
CA ASP A 250 -1.22 -11.81 -42.97
C ASP A 250 -1.63 -13.24 -43.25
N ARG A 251 -1.74 -14.09 -42.20
CA ARG A 251 -2.15 -15.48 -42.35
C ARG A 251 -3.68 -15.68 -42.60
N GLY A 252 -4.51 -14.68 -42.31
CA GLY A 252 -5.96 -14.79 -42.44
C GLY A 252 -6.64 -15.33 -41.18
N SER A 253 -6.19 -16.52 -40.72
CA SER A 253 -6.69 -17.17 -39.50
C SER A 253 -5.63 -18.13 -38.99
N PHE A 254 -5.68 -18.50 -37.71
CA PHE A 254 -4.71 -19.42 -37.08
C PHE A 254 -5.31 -20.80 -36.88
N GLU A 255 -4.51 -21.84 -37.01
CA GLU A 255 -4.99 -23.20 -36.78
C GLU A 255 -5.32 -23.39 -35.30
N ASP A 256 -6.02 -24.47 -34.99
CA ASP A 256 -6.44 -24.78 -33.64
C ASP A 256 -5.27 -24.78 -32.65
N SER A 257 -4.18 -25.52 -32.96
CA SER A 257 -3.01 -25.63 -32.07
C SER A 257 -2.30 -24.26 -31.88
N THR A 258 -2.26 -23.41 -32.94
CA THR A 258 -1.63 -22.08 -32.90
C THR A 258 -2.43 -21.17 -31.95
N THR A 259 -3.75 -21.10 -32.19
CA THR A 259 -4.67 -20.35 -31.34
C THR A 259 -4.54 -20.78 -29.87
N ARG A 260 -4.43 -22.10 -29.63
CA ARG A 260 -4.31 -22.66 -28.28
C ARG A 260 -3.10 -22.15 -27.52
N PHE A 261 -1.95 -22.06 -28.19
CA PHE A 261 -0.74 -21.56 -27.57
C PHE A 261 -0.94 -20.08 -27.14
N TYR A 262 -1.46 -19.22 -28.04
CA TYR A 262 -1.71 -17.82 -27.73
C TYR A 262 -2.77 -17.62 -26.68
N THR A 263 -3.87 -18.44 -26.70
CA THR A 263 -4.92 -18.35 -25.68
C THR A 263 -4.33 -18.74 -24.31
N ALA A 264 -3.46 -19.76 -24.28
CA ALA A 264 -2.79 -20.18 -23.03
C ALA A 264 -1.89 -19.07 -22.46
N CYS A 265 -1.16 -18.31 -23.32
CA CYS A 265 -0.38 -17.14 -22.89
C CYS A 265 -1.29 -16.12 -22.16
N VAL A 266 -2.48 -15.87 -22.73
CA VAL A 266 -3.48 -14.96 -22.13
C VAL A 266 -4.04 -15.52 -20.82
N VAL A 267 -4.33 -16.83 -20.79
CA VAL A 267 -4.83 -17.49 -19.59
C VAL A 267 -3.82 -17.28 -18.44
N GLU A 268 -2.52 -17.39 -18.76
CA GLU A 268 -1.46 -17.21 -17.76
C GLU A 268 -1.38 -15.75 -17.29
N ALA A 269 -1.46 -14.79 -18.22
CA ALA A 269 -1.45 -13.36 -17.86
C ALA A 269 -2.71 -13.02 -17.03
N PHE A 270 -3.88 -13.59 -17.38
CA PHE A 270 -5.11 -13.39 -16.59
C PHE A 270 -5.02 -14.10 -15.21
N ALA A 271 -4.50 -15.34 -15.15
CA ALA A 271 -4.33 -16.04 -13.85
C ALA A 271 -3.47 -15.13 -12.92
N TYR A 272 -2.36 -14.57 -13.44
CA TYR A 272 -1.53 -13.64 -12.70
C TYR A 272 -2.30 -12.35 -12.26
N LEU A 273 -2.87 -11.59 -13.20
CA LEU A 273 -3.57 -10.36 -12.88
C LEU A 273 -4.77 -10.58 -11.96
N HIS A 274 -5.58 -11.61 -12.23
CA HIS A 274 -6.77 -11.87 -11.43
C HIS A 274 -6.41 -12.27 -9.98
N SER A 275 -5.24 -12.94 -9.77
CA SER A 275 -4.77 -13.30 -8.41
C SER A 275 -4.38 -12.02 -7.59
N LYS A 276 -4.15 -10.87 -8.27
CA LYS A 276 -3.82 -9.60 -7.63
C LYS A 276 -5.02 -8.67 -7.55
N GLY A 277 -6.19 -9.12 -7.96
CA GLY A 277 -7.38 -8.28 -7.98
C GLY A 277 -7.36 -7.23 -9.07
N ILE A 278 -6.61 -7.49 -10.16
CA ILE A 278 -6.49 -6.55 -11.29
C ILE A 278 -7.31 -7.05 -12.47
N ILE A 279 -8.11 -6.16 -13.05
CA ILE A 279 -8.90 -6.46 -14.25
C ILE A 279 -8.18 -5.81 -15.42
N TYR A 280 -8.07 -6.52 -16.55
CA TYR A 280 -7.34 -6.01 -17.72
C TYR A 280 -8.22 -5.13 -18.65
N ARG A 281 -9.39 -5.65 -19.05
CA ARG A 281 -10.38 -4.96 -19.87
C ARG A 281 -9.97 -4.50 -21.29
N ASP A 282 -8.85 -4.90 -21.84
CA ASP A 282 -8.56 -4.47 -23.20
C ASP A 282 -7.98 -5.57 -24.03
N LEU A 283 -8.46 -6.79 -23.85
CA LEU A 283 -7.96 -7.89 -24.65
C LEU A 283 -8.45 -7.75 -26.09
N LYS A 284 -7.54 -7.96 -27.03
CA LYS A 284 -7.80 -7.94 -28.48
C LYS A 284 -6.49 -8.34 -29.14
N PRO A 285 -6.48 -8.80 -30.41
CA PRO A 285 -5.20 -9.20 -31.04
C PRO A 285 -4.12 -8.11 -31.09
N GLU A 286 -4.51 -6.82 -31.19
CA GLU A 286 -3.52 -5.73 -31.23
C GLU A 286 -2.86 -5.46 -29.88
N ASN A 287 -3.34 -6.06 -28.78
CA ASN A 287 -2.74 -5.92 -27.46
C ASN A 287 -1.92 -7.14 -27.06
N LEU A 288 -1.63 -8.03 -28.02
CA LEU A 288 -0.81 -9.22 -27.83
C LEU A 288 0.40 -9.01 -28.71
N ILE A 289 1.60 -9.09 -28.13
CA ILE A 289 2.83 -8.82 -28.88
C ILE A 289 3.73 -10.01 -28.70
N LEU A 290 4.41 -10.44 -29.75
CA LEU A 290 5.31 -11.60 -29.67
C LEU A 290 6.70 -11.14 -29.35
N ASP A 291 7.37 -11.82 -28.43
CA ASP A 291 8.78 -11.55 -28.20
C ASP A 291 9.58 -12.27 -29.34
N HIS A 292 10.92 -12.13 -29.36
CA HIS A 292 11.76 -12.76 -30.39
C HIS A 292 11.61 -14.28 -30.49
N ARG A 293 11.20 -14.96 -29.42
CA ARG A 293 11.00 -16.41 -29.41
C ARG A 293 9.66 -16.86 -30.01
N GLY A 294 8.64 -15.99 -30.01
CA GLY A 294 7.31 -16.32 -30.45
C GLY A 294 6.33 -16.42 -29.30
N TYR A 295 6.79 -16.13 -28.08
CA TYR A 295 5.91 -16.12 -26.90
C TYR A 295 5.11 -14.82 -26.90
N ALA A 296 3.76 -14.91 -26.74
CA ALA A 296 2.87 -13.73 -26.71
C ALA A 296 2.81 -13.11 -25.32
N LYS A 297 2.74 -11.77 -25.23
CA LYS A 297 2.61 -11.02 -23.96
C LYS A 297 1.54 -9.91 -24.09
N LEU A 298 0.81 -9.58 -22.98
CA LEU A 298 -0.15 -8.46 -22.95
C LEU A 298 0.65 -7.17 -22.90
N VAL A 299 0.25 -6.13 -23.67
CA VAL A 299 1.08 -4.91 -23.71
C VAL A 299 0.36 -3.58 -23.31
N ASP A 300 -0.95 -3.42 -23.50
CA ASP A 300 -1.57 -2.11 -23.21
C ASP A 300 -2.44 -2.17 -21.93
N PHE A 301 -2.09 -1.39 -20.90
CA PHE A 301 -2.80 -1.38 -19.61
C PHE A 301 -3.56 -0.08 -19.31
N GLY A 302 -4.04 0.60 -20.35
CA GLY A 302 -4.78 1.84 -20.23
C GLY A 302 -6.16 1.72 -19.58
N PHE A 303 -6.82 0.55 -19.73
CA PHE A 303 -8.13 0.23 -19.16
C PHE A 303 -8.01 -0.72 -17.96
N ALA A 304 -6.80 -1.15 -17.61
CA ALA A 304 -6.63 -2.08 -16.49
C ALA A 304 -6.86 -1.35 -15.17
N LYS A 305 -7.31 -2.08 -14.14
CA LYS A 305 -7.60 -1.46 -12.83
C LYS A 305 -7.50 -2.44 -11.71
N LYS A 306 -6.96 -1.99 -10.56
CA LYS A 306 -6.92 -2.83 -9.36
C LYS A 306 -8.28 -2.64 -8.68
N ILE A 307 -9.14 -3.68 -8.77
CA ILE A 307 -10.50 -3.62 -8.22
C ILE A 307 -10.68 -4.50 -6.97
N GLY A 308 -9.67 -5.28 -6.60
CA GLY A 308 -9.78 -6.15 -5.44
C GLY A 308 -10.60 -7.40 -5.71
N PHE A 309 -11.05 -8.05 -4.63
CA PHE A 309 -11.82 -9.29 -4.67
C PHE A 309 -13.24 -9.05 -4.20
N GLY A 310 -14.18 -9.76 -4.82
CA GLY A 310 -15.60 -9.69 -4.47
C GLY A 310 -16.29 -8.36 -4.62
N LYS A 311 -15.77 -7.50 -5.54
CA LYS A 311 -16.40 -6.19 -5.77
C LYS A 311 -16.30 -5.78 -7.25
N LYS A 312 -17.32 -5.02 -7.72
CA LYS A 312 -17.45 -4.61 -9.11
C LYS A 312 -16.94 -3.20 -9.36
N THR A 313 -16.75 -2.86 -10.65
CA THR A 313 -16.28 -1.56 -11.13
C THR A 313 -17.28 -1.14 -12.19
N TRP A 314 -17.39 0.17 -12.46
CA TRP A 314 -18.44 0.74 -13.26
C TRP A 314 -18.06 1.43 -14.56
N TPO A 315 -16.77 1.62 -14.86
CA TPO A 315 -16.39 2.35 -16.06
CB TPO A 315 -14.92 2.88 -15.99
CG2 TPO A 315 -14.52 3.92 -17.07
OG1 TPO A 315 -14.68 3.37 -14.66
P TPO A 315 -13.66 2.54 -13.81
O1P TPO A 315 -14.03 1.06 -13.80
O2P TPO A 315 -13.74 2.84 -12.33
O3P TPO A 315 -12.19 2.70 -14.30
C TPO A 315 -16.57 1.61 -17.41
O TPO A 315 -15.99 0.54 -17.63
N PHE A 316 -17.31 2.24 -18.34
CA PHE A 316 -17.41 1.77 -19.71
C PHE A 316 -16.06 1.93 -20.42
N CYS A 317 -15.50 0.84 -20.92
CA CYS A 317 -14.25 0.89 -21.70
C CYS A 317 -14.01 -0.45 -22.40
N GLY A 318 -13.11 -0.42 -23.37
CA GLY A 318 -12.70 -1.59 -24.15
C GLY A 318 -12.89 -1.30 -25.62
N THR A 319 -12.74 -2.32 -26.45
CA THR A 319 -12.91 -2.22 -27.91
C THR A 319 -14.30 -2.76 -28.22
N PRO A 320 -15.12 -2.09 -29.07
CA PRO A 320 -16.51 -2.53 -29.26
C PRO A 320 -16.75 -4.04 -29.44
N GLU A 321 -15.93 -4.71 -30.24
CA GLU A 321 -16.09 -6.14 -30.52
C GLU A 321 -15.85 -7.07 -29.30
N TYR A 322 -15.00 -6.62 -28.35
CA TYR A 322 -14.55 -7.40 -27.19
C TYR A 322 -15.23 -7.04 -25.90
N VAL A 323 -15.97 -5.93 -25.86
CA VAL A 323 -16.62 -5.48 -24.62
C VAL A 323 -17.80 -6.45 -24.21
N ALA A 324 -17.84 -6.85 -22.91
CA ALA A 324 -18.81 -7.77 -22.34
C ALA A 324 -20.20 -7.11 -22.20
N PRO A 325 -21.32 -7.87 -22.23
CA PRO A 325 -22.67 -7.24 -22.16
C PRO A 325 -22.94 -6.33 -20.96
N GLU A 326 -22.49 -6.69 -19.75
CA GLU A 326 -22.63 -5.87 -18.51
C GLU A 326 -21.84 -4.54 -18.59
N ILE A 327 -20.82 -4.48 -19.44
CA ILE A 327 -20.07 -3.25 -19.66
C ILE A 327 -20.90 -2.40 -20.61
N ILE A 328 -21.42 -2.99 -21.72
CA ILE A 328 -22.29 -2.30 -22.68
C ILE A 328 -23.49 -1.74 -21.94
N LEU A 329 -24.12 -2.55 -21.11
CA LEU A 329 -25.32 -2.14 -20.38
C LEU A 329 -25.03 -1.28 -19.15
N ASN A 330 -23.74 -1.00 -18.82
CA ASN A 330 -23.36 -0.18 -17.67
C ASN A 330 -24.02 -0.65 -16.38
N LYS A 331 -23.89 -1.95 -16.10
CA LYS A 331 -24.50 -2.57 -14.90
C LYS A 331 -23.47 -2.98 -13.86
N GLY A 332 -22.22 -2.56 -14.02
CA GLY A 332 -21.13 -2.97 -13.16
C GLY A 332 -20.50 -4.25 -13.66
N HIS A 333 -19.21 -4.42 -13.42
CA HIS A 333 -18.47 -5.61 -13.87
C HIS A 333 -17.30 -5.94 -12.96
N ASP A 334 -16.85 -7.17 -13.08
CA ASP A 334 -15.70 -7.66 -12.30
C ASP A 334 -14.80 -8.45 -13.27
N ILE A 335 -13.79 -9.17 -12.77
CA ILE A 335 -12.82 -9.91 -13.60
C ILE A 335 -13.47 -10.84 -14.62
N SER A 336 -14.71 -11.32 -14.37
CA SER A 336 -15.37 -12.21 -15.33
C SER A 336 -15.63 -11.49 -16.69
N ALA A 337 -15.49 -10.14 -16.77
CA ALA A 337 -15.58 -9.46 -18.07
C ALA A 337 -14.37 -9.89 -18.95
N ASP A 338 -13.20 -10.17 -18.31
CA ASP A 338 -11.99 -10.64 -19.02
C ASP A 338 -12.16 -12.03 -19.61
N TYR A 339 -12.90 -12.93 -18.95
CA TYR A 339 -13.16 -14.28 -19.49
C TYR A 339 -14.07 -14.21 -20.70
N TRP A 340 -15.05 -13.29 -20.71
CA TRP A 340 -15.88 -13.02 -21.88
C TRP A 340 -14.95 -12.67 -23.08
N SER A 341 -14.05 -11.70 -22.91
CA SER A 341 -13.09 -11.28 -23.95
C SER A 341 -12.22 -12.40 -24.47
N LEU A 342 -11.82 -13.34 -23.59
CA LEU A 342 -11.00 -14.48 -23.98
C LEU A 342 -11.76 -15.34 -25.03
N GLY A 343 -13.08 -15.52 -24.87
CA GLY A 343 -13.87 -16.29 -25.80
C GLY A 343 -13.91 -15.62 -27.16
N ILE A 344 -14.01 -14.27 -27.16
CA ILE A 344 -14.03 -13.44 -28.37
C ILE A 344 -12.69 -13.62 -29.07
N LEU A 345 -11.58 -13.60 -28.29
CA LEU A 345 -10.22 -13.73 -28.82
C LEU A 345 -10.06 -15.06 -29.53
N MET A 346 -10.40 -16.15 -28.86
CA MET A 346 -10.34 -17.49 -29.45
C MET A 346 -11.07 -17.50 -30.79
N TYR A 347 -12.31 -17.02 -30.82
CA TYR A 347 -13.14 -16.97 -32.04
C TYR A 347 -12.45 -16.16 -33.17
N GLU A 348 -11.96 -14.94 -32.85
CA GLU A 348 -11.25 -14.12 -33.85
C GLU A 348 -9.94 -14.77 -34.34
N LEU A 349 -9.17 -15.40 -33.45
CA LEU A 349 -7.92 -16.04 -33.89
C LEU A 349 -8.21 -17.22 -34.83
N LEU A 350 -9.27 -18.01 -34.54
CA LEU A 350 -9.60 -19.20 -35.35
C LEU A 350 -10.18 -18.88 -36.73
N THR A 351 -10.90 -17.76 -36.86
CA THR A 351 -11.61 -17.41 -38.10
C THR A 351 -11.12 -16.15 -38.81
N GLY A 352 -10.35 -15.31 -38.11
CA GLY A 352 -9.91 -14.02 -38.66
C GLY A 352 -10.87 -12.88 -38.39
N SER A 353 -12.13 -13.17 -37.95
CA SER A 353 -13.16 -12.16 -37.64
C SER A 353 -13.73 -12.39 -36.25
N PRO A 354 -14.05 -11.31 -35.54
CA PRO A 354 -14.71 -11.49 -34.22
C PRO A 354 -16.17 -11.96 -34.45
N PRO A 355 -16.77 -12.62 -33.44
CA PRO A 355 -18.12 -13.16 -33.64
C PRO A 355 -19.18 -12.11 -33.85
N PHE A 356 -19.12 -11.00 -33.10
CA PHE A 356 -20.07 -9.90 -33.12
C PHE A 356 -19.43 -8.70 -33.83
N SER A 357 -19.99 -8.30 -34.99
CA SER A 357 -19.41 -7.19 -35.74
C SER A 357 -20.43 -6.47 -36.62
N GLY A 358 -20.65 -5.17 -36.35
CA GLY A 358 -21.53 -4.30 -37.11
C GLY A 358 -20.74 -3.25 -37.86
N PRO A 359 -21.39 -2.44 -38.74
CA PRO A 359 -20.64 -1.39 -39.47
C PRO A 359 -20.10 -0.27 -38.58
N ASP A 360 -20.73 -0.01 -37.42
CA ASP A 360 -20.26 0.97 -36.45
C ASP A 360 -20.41 0.40 -35.00
N PRO A 361 -19.80 1.04 -33.97
CA PRO A 361 -19.89 0.51 -32.59
C PRO A 361 -21.28 0.23 -32.03
N MET A 362 -22.24 1.11 -32.30
CA MET A 362 -23.62 0.95 -31.79
C MET A 362 -24.28 -0.33 -32.29
N LYS A 363 -24.06 -0.67 -33.59
CA LYS A 363 -24.59 -1.90 -34.20
C LYS A 363 -23.89 -3.11 -33.60
N THR A 364 -22.56 -3.03 -33.42
CA THR A 364 -21.77 -4.10 -32.81
C THR A 364 -22.32 -4.42 -31.40
N TYR A 365 -22.63 -3.38 -30.58
CA TYR A 365 -23.19 -3.58 -29.23
C TYR A 365 -24.50 -4.29 -29.28
N ASN A 366 -25.35 -3.96 -30.26
CA ASN A 366 -26.66 -4.60 -30.42
C ASN A 366 -26.49 -6.11 -30.73
N ILE A 367 -25.58 -6.44 -31.63
CA ILE A 367 -25.27 -7.83 -32.00
C ILE A 367 -24.72 -8.59 -30.77
N ILE A 368 -23.85 -7.97 -29.95
CA ILE A 368 -23.29 -8.60 -28.73
C ILE A 368 -24.43 -8.96 -27.76
N LEU A 369 -25.40 -8.05 -27.61
CA LEU A 369 -26.51 -8.28 -26.68
C LEU A 369 -27.42 -9.44 -27.11
N ARG A 370 -27.53 -9.77 -28.43
CA ARG A 370 -28.28 -10.96 -28.87
C ARG A 370 -27.60 -12.25 -28.38
N GLY A 371 -26.29 -12.20 -28.11
CA GLY A 371 -25.55 -13.33 -27.55
C GLY A 371 -24.96 -14.28 -28.57
N ILE A 372 -24.04 -15.11 -28.08
CA ILE A 372 -23.23 -16.07 -28.85
C ILE A 372 -24.06 -17.21 -29.53
N ASP A 373 -25.26 -17.51 -29.02
CA ASP A 373 -26.11 -18.55 -29.61
C ASP A 373 -26.79 -18.14 -30.91
N MET A 374 -26.77 -16.82 -31.27
CA MET A 374 -27.35 -16.34 -32.51
C MET A 374 -26.31 -16.22 -33.60
N ILE A 375 -25.06 -16.58 -33.28
CA ILE A 375 -23.92 -16.53 -34.18
C ILE A 375 -23.71 -17.91 -34.78
N GLU A 376 -23.57 -17.98 -36.11
CA GLU A 376 -23.29 -19.22 -36.82
C GLU A 376 -21.79 -19.43 -36.79
N PHE A 377 -21.35 -20.50 -36.11
CA PHE A 377 -19.95 -20.80 -36.00
C PHE A 377 -19.46 -21.48 -37.28
N PRO A 378 -18.38 -21.01 -37.93
CA PRO A 378 -17.86 -21.75 -39.09
C PRO A 378 -17.45 -23.17 -38.67
N LYS A 379 -17.69 -24.19 -39.54
CA LYS A 379 -17.35 -25.60 -39.26
C LYS A 379 -15.85 -25.82 -38.97
N LYS A 380 -14.94 -24.89 -39.36
CA LYS A 380 -13.51 -25.00 -39.01
C LYS A 380 -13.24 -24.84 -37.50
N ILE A 381 -14.18 -24.25 -36.73
CA ILE A 381 -14.00 -24.14 -35.28
C ILE A 381 -14.25 -25.58 -34.75
N ALA A 382 -13.28 -26.16 -34.03
CA ALA A 382 -13.45 -27.51 -33.48
C ALA A 382 -14.54 -27.51 -32.42
N LYS A 383 -15.21 -28.66 -32.22
CA LYS A 383 -16.32 -28.74 -31.25
C LYS A 383 -15.88 -28.34 -29.82
N ASN A 384 -14.66 -28.68 -29.42
CA ASN A 384 -14.13 -28.34 -28.09
C ASN A 384 -13.77 -26.85 -28.01
N ALA A 385 -13.32 -26.24 -29.15
CA ALA A 385 -13.01 -24.82 -29.20
C ALA A 385 -14.34 -24.07 -29.05
N ALA A 386 -15.37 -24.44 -29.86
CA ALA A 386 -16.71 -23.87 -29.80
C ALA A 386 -17.32 -23.99 -28.41
N ASN A 387 -17.11 -25.13 -27.76
CA ASN A 387 -17.63 -25.40 -26.43
C ASN A 387 -17.00 -24.46 -25.41
N LEU A 388 -15.67 -24.27 -25.45
CA LEU A 388 -14.99 -23.34 -24.54
C LEU A 388 -15.42 -21.88 -24.84
N ILE A 389 -15.52 -21.50 -26.14
CA ILE A 389 -15.98 -20.15 -26.52
C ILE A 389 -17.34 -19.89 -25.87
N LYS A 390 -18.29 -20.81 -26.07
CA LYS A 390 -19.64 -20.67 -25.53
C LYS A 390 -19.69 -20.70 -23.98
N LYS A 391 -18.77 -21.40 -23.30
CA LYS A 391 -18.69 -21.36 -21.84
C LYS A 391 -18.08 -20.06 -21.30
N LEU A 392 -17.21 -19.42 -22.09
CA LEU A 392 -16.59 -18.14 -21.72
C LEU A 392 -17.55 -16.96 -22.02
N CYS A 393 -18.25 -17.00 -23.17
CA CYS A 393 -19.21 -15.97 -23.55
C CYS A 393 -20.66 -16.24 -23.09
N ARG A 394 -20.83 -16.47 -21.79
CA ARG A 394 -22.14 -16.64 -21.16
C ARG A 394 -22.60 -15.24 -20.87
N ASP A 395 -23.88 -14.92 -21.10
CA ASP A 395 -24.36 -13.56 -20.84
C ASP A 395 -24.29 -13.23 -19.35
N ASN A 396 -24.66 -14.21 -18.50
CA ASN A 396 -24.63 -14.03 -17.06
C ASN A 396 -23.19 -14.15 -16.59
N PRO A 397 -22.56 -13.06 -16.07
CA PRO A 397 -21.17 -13.16 -15.58
C PRO A 397 -20.91 -14.31 -14.60
N SER A 398 -21.89 -14.60 -13.74
CA SER A 398 -21.80 -15.65 -12.71
C SER A 398 -21.57 -17.07 -13.30
N GLU A 399 -22.06 -17.31 -14.54
CA GLU A 399 -21.98 -18.61 -15.20
C GLU A 399 -20.72 -18.78 -16.03
N ARG A 400 -19.92 -17.71 -16.25
CA ARG A 400 -18.69 -17.82 -17.06
C ARG A 400 -17.61 -18.72 -16.48
N LEU A 401 -17.03 -19.60 -17.34
CA LEU A 401 -15.89 -20.44 -17.00
C LEU A 401 -14.74 -19.48 -16.67
N GLY A 402 -14.06 -19.75 -15.56
CA GLY A 402 -12.99 -18.90 -15.03
C GLY A 402 -13.47 -18.18 -13.77
N ASN A 403 -14.80 -17.95 -13.67
CA ASN A 403 -15.47 -17.28 -12.56
C ASN A 403 -16.29 -18.27 -11.72
N LEU A 404 -16.05 -19.59 -11.86
CA LEU A 404 -16.75 -20.58 -11.06
C LEU A 404 -15.84 -20.93 -9.86
N LYS A 405 -16.19 -21.98 -9.09
CA LYS A 405 -15.49 -22.41 -7.86
C LYS A 405 -13.97 -22.45 -7.96
N ASN A 406 -13.43 -23.13 -8.98
CA ASN A 406 -11.97 -23.29 -9.14
C ASN A 406 -11.28 -22.20 -9.96
N GLY A 407 -11.93 -21.07 -10.17
CA GLY A 407 -11.31 -19.95 -10.89
C GLY A 407 -10.77 -20.31 -12.26
N VAL A 408 -9.57 -19.81 -12.59
CA VAL A 408 -8.93 -20.01 -13.90
C VAL A 408 -8.57 -21.50 -14.16
N LYS A 409 -8.44 -22.35 -13.11
CA LYS A 409 -8.15 -23.79 -13.30
C LYS A 409 -9.21 -24.45 -14.20
N ASP A 410 -10.49 -24.03 -14.06
CA ASP A 410 -11.58 -24.58 -14.87
C ASP A 410 -11.34 -24.34 -16.38
N ILE A 411 -10.71 -23.19 -16.74
CA ILE A 411 -10.38 -22.89 -18.14
C ILE A 411 -9.23 -23.79 -18.54
N GLN A 412 -8.16 -23.77 -17.73
CA GLN A 412 -6.96 -24.57 -17.95
C GLN A 412 -7.26 -26.08 -18.11
N LYS A 413 -8.22 -26.60 -17.34
CA LYS A 413 -8.60 -28.02 -17.37
C LYS A 413 -9.70 -28.34 -18.41
N HIS A 414 -10.17 -27.37 -19.22
CA HIS A 414 -11.17 -27.64 -20.25
C HIS A 414 -10.64 -28.67 -21.27
N LYS A 415 -11.55 -29.51 -21.82
CA LYS A 415 -11.24 -30.50 -22.86
C LYS A 415 -10.35 -29.97 -24.01
N TRP A 416 -10.54 -28.69 -24.46
CA TRP A 416 -9.74 -28.08 -25.53
C TRP A 416 -8.24 -28.03 -25.19
N PHE A 417 -7.90 -27.93 -23.90
CA PHE A 417 -6.50 -27.89 -23.44
C PHE A 417 -5.89 -29.29 -23.12
N GLU A 418 -6.59 -30.42 -23.42
CA GLU A 418 -6.05 -31.76 -23.14
C GLU A 418 -4.78 -32.00 -23.95
N GLY A 419 -3.71 -32.35 -23.26
CA GLY A 419 -2.40 -32.55 -23.88
C GLY A 419 -1.58 -31.29 -24.07
N PHE A 420 -2.08 -30.10 -23.59
CA PHE A 420 -1.35 -28.83 -23.68
C PHE A 420 -0.37 -28.80 -22.49
N ASN A 421 0.89 -28.47 -22.74
CA ASN A 421 1.89 -28.47 -21.70
C ASN A 421 1.98 -27.13 -20.96
N TRP A 422 1.16 -26.96 -19.91
CA TRP A 422 1.13 -25.72 -19.13
C TRP A 422 2.44 -25.44 -18.41
N GLU A 423 3.13 -26.46 -17.86
CA GLU A 423 4.44 -26.26 -17.18
C GLU A 423 5.54 -25.85 -18.18
N GLY A 424 5.57 -26.49 -19.35
CA GLY A 424 6.52 -26.15 -20.40
C GLY A 424 6.32 -24.73 -20.90
N LEU A 425 5.03 -24.27 -20.90
CA LEU A 425 4.70 -22.90 -21.28
C LEU A 425 5.26 -21.97 -20.19
N ARG A 426 4.88 -22.21 -18.93
CA ARG A 426 5.36 -21.42 -17.79
C ARG A 426 6.93 -21.41 -17.69
N LYS A 427 7.61 -22.50 -18.12
CA LYS A 427 9.07 -22.60 -18.08
C LYS A 427 9.77 -22.00 -19.31
N GLY A 428 9.05 -21.91 -20.43
CA GLY A 428 9.56 -21.34 -21.67
C GLY A 428 10.18 -22.37 -22.60
N THR A 429 9.93 -23.67 -22.33
CA THR A 429 10.52 -24.77 -23.11
C THR A 429 9.57 -25.28 -24.20
N LEU A 430 8.30 -24.81 -24.18
CA LEU A 430 7.33 -25.22 -25.17
C LEU A 430 7.66 -24.46 -26.46
N THR A 431 7.61 -25.13 -27.61
CA THR A 431 7.93 -24.51 -28.88
C THR A 431 6.73 -23.70 -29.42
N PRO A 432 6.86 -22.37 -29.61
CA PRO A 432 5.74 -21.58 -30.18
C PRO A 432 5.34 -22.04 -31.59
N PRO A 433 4.07 -21.78 -31.96
CA PRO A 433 3.59 -22.18 -33.30
C PRO A 433 4.16 -21.33 -34.45
N ILE A 434 4.50 -20.06 -34.17
CA ILE A 434 5.08 -19.15 -35.17
C ILE A 434 6.42 -18.67 -34.59
N ILE A 435 7.54 -19.02 -35.25
CA ILE A 435 8.89 -18.61 -34.85
C ILE A 435 9.20 -17.30 -35.60
N PRO A 436 9.28 -16.13 -34.92
CA PRO A 436 9.58 -14.90 -35.66
C PRO A 436 11.05 -14.83 -36.12
N SER A 437 11.30 -14.07 -37.18
CA SER A 437 12.65 -13.83 -37.70
C SER A 437 13.10 -12.48 -37.12
N VAL A 438 14.10 -12.52 -36.22
CA VAL A 438 14.67 -11.35 -35.56
C VAL A 438 16.18 -11.45 -35.82
N ALA A 439 16.68 -10.64 -36.74
CA ALA A 439 18.08 -10.63 -37.14
C ALA A 439 19.03 -10.11 -36.06
N SER A 440 18.57 -9.30 -35.08
CA SER A 440 19.47 -8.77 -34.04
C SER A 440 18.67 -8.05 -32.98
N PRO A 441 19.31 -7.53 -31.89
CA PRO A 441 18.53 -6.75 -30.88
C PRO A 441 17.93 -5.45 -31.41
N THR A 442 18.35 -5.01 -32.61
CA THR A 442 17.86 -3.79 -33.27
C THR A 442 16.92 -4.06 -34.44
N ASP A 443 16.50 -5.30 -34.67
CA ASP A 443 15.63 -5.61 -35.82
C ASP A 443 14.17 -5.23 -35.52
N THR A 444 13.66 -4.17 -36.20
CA THR A 444 12.27 -3.72 -36.06
C THR A 444 11.47 -4.12 -37.32
N SER A 445 12.01 -5.04 -38.17
CA SER A 445 11.34 -5.42 -39.43
C SER A 445 9.98 -6.13 -39.25
N ASN A 446 9.65 -6.63 -38.03
CA ASN A 446 8.35 -7.25 -37.80
C ASN A 446 7.24 -6.21 -37.46
N PHE A 447 7.54 -4.89 -37.53
CA PHE A 447 6.59 -3.79 -37.30
C PHE A 447 6.47 -2.96 -38.61
N ASP A 448 5.23 -2.51 -38.95
CA ASP A 448 4.90 -1.78 -40.21
C ASP A 448 5.11 -0.26 -40.11
N SER A 449 5.43 0.38 -41.26
CA SER A 449 5.65 1.83 -41.36
C SER A 449 4.32 2.58 -41.33
N TRP A 465 -0.01 15.19 -11.03
CA TRP A 465 -0.38 13.89 -11.60
C TRP A 465 0.85 13.10 -12.11
N ASP A 466 1.93 13.81 -12.48
CA ASP A 466 3.17 13.21 -13.01
C ASP A 466 4.34 13.25 -11.98
N ILE A 467 4.05 13.37 -10.67
CA ILE A 467 5.10 13.47 -9.63
C ILE A 467 5.91 12.16 -9.47
N ASP A 468 5.24 11.00 -9.52
CA ASP A 468 5.90 9.68 -9.35
C ASP A 468 6.55 9.13 -10.63
N PHE A 469 6.37 9.80 -11.79
CA PHE A 469 7.04 9.40 -13.04
C PHE A 469 8.55 9.72 -13.03
N SER B 1 -16.18 54.73 -9.22
CA SER B 1 -15.91 56.13 -8.87
C SER B 1 -15.73 56.30 -7.35
N THR B 2 -14.57 56.79 -6.90
CA THR B 2 -14.21 57.00 -5.49
C THR B 2 -13.40 58.28 -5.38
N GLY B 3 -13.65 59.08 -4.35
CA GLY B 3 -12.91 60.29 -4.07
C GLY B 3 -11.43 59.97 -3.95
N LEU B 4 -10.58 60.78 -4.58
CA LEU B 4 -9.13 60.52 -4.66
C LEU B 4 -8.44 60.39 -3.31
N ILE B 5 -8.74 61.28 -2.37
CA ILE B 5 -8.12 61.25 -1.05
C ILE B 5 -8.48 59.96 -0.30
N LYS B 6 -9.79 59.59 -0.33
CA LYS B 6 -10.27 58.37 0.33
C LYS B 6 -9.75 57.13 -0.39
N HIS B 7 -9.66 57.15 -1.76
CA HIS B 7 -9.13 56.00 -2.50
C HIS B 7 -7.65 55.77 -2.13
N THR B 8 -6.90 56.86 -1.91
CA THR B 8 -5.50 56.77 -1.55
C THR B 8 -5.34 56.28 -0.11
N GLU B 9 -6.25 56.66 0.83
CA GLU B 9 -6.20 56.20 2.21
C GLU B 9 -6.38 54.68 2.27
N TYR B 10 -7.31 54.14 1.44
CA TYR B 10 -7.57 52.70 1.40
C TYR B 10 -6.37 51.99 0.79
N MET B 11 -5.74 52.57 -0.28
CA MET B 11 -4.55 51.98 -0.93
C MET B 11 -3.42 51.87 0.08
N GLU B 12 -3.22 52.95 0.87
CA GLU B 12 -2.22 52.97 1.94
C GLU B 12 -2.56 51.92 2.99
N PHE B 13 -3.83 51.86 3.40
CA PHE B 13 -4.27 50.87 4.40
C PHE B 13 -4.09 49.43 3.86
N LEU B 14 -4.51 49.18 2.62
CA LEU B 14 -4.37 47.85 2.02
C LEU B 14 -2.91 47.40 1.87
N LYS B 15 -1.99 48.33 1.62
CA LYS B 15 -0.56 48.01 1.53
C LYS B 15 0.04 47.65 2.90
N SER B 16 -0.51 48.24 3.99
CA SER B 16 -0.07 47.97 5.36
C SER B 16 -0.47 46.56 5.84
N VAL B 17 -1.45 45.92 5.18
CA VAL B 17 -1.90 44.57 5.53
C VAL B 17 -1.01 43.56 4.78
N PRO B 18 -0.28 42.66 5.49
CA PRO B 18 0.61 41.70 4.79
C PRO B 18 -0.04 40.81 3.71
N THR B 19 -1.27 40.37 3.97
CA THR B 19 -2.06 39.53 3.06
C THR B 19 -2.24 40.17 1.68
N PHE B 20 -2.61 41.46 1.64
CA PHE B 20 -2.89 42.20 0.40
C PHE B 20 -1.69 43.01 -0.10
N GLN B 21 -0.63 43.14 0.72
CA GLN B 21 0.64 43.85 0.47
C GLN B 21 1.23 43.60 -0.93
N SER B 22 1.34 42.31 -1.30
CA SER B 22 1.97 41.84 -2.53
C SER B 22 1.02 41.69 -3.74
N LEU B 23 -0.26 42.13 -3.64
CA LEU B 23 -1.17 42.04 -4.76
C LEU B 23 -0.78 43.07 -5.84
N PRO B 24 -1.03 42.81 -7.15
CA PRO B 24 -0.72 43.82 -8.19
C PRO B 24 -1.44 45.14 -7.94
N GLU B 25 -0.73 46.26 -8.17
CA GLU B 25 -1.24 47.61 -7.95
C GLU B 25 -2.63 47.85 -8.60
N GLU B 26 -2.85 47.35 -9.83
CA GLU B 26 -4.17 47.48 -10.49
C GLU B 26 -5.30 46.74 -9.74
N ILE B 27 -4.98 45.59 -9.14
CA ILE B 27 -5.96 44.82 -8.35
C ILE B 27 -6.23 45.56 -7.02
N LEU B 28 -5.21 46.13 -6.37
CA LEU B 28 -5.44 46.91 -5.14
C LEU B 28 -6.30 48.13 -5.44
N SER B 29 -6.06 48.80 -6.58
CA SER B 29 -6.81 49.99 -7.02
C SER B 29 -8.30 49.71 -7.23
N LYS B 30 -8.62 48.59 -7.93
CA LYS B 30 -9.99 48.15 -8.18
C LYS B 30 -10.68 47.76 -6.82
N LEU B 31 -9.92 47.21 -5.87
CA LEU B 31 -10.40 46.90 -4.52
C LEU B 31 -10.69 48.19 -3.77
N ALA B 32 -9.75 49.15 -3.78
CA ALA B 32 -9.95 50.44 -3.11
C ALA B 32 -11.18 51.18 -3.68
N ASP B 33 -11.54 50.94 -4.96
CA ASP B 33 -12.69 51.54 -5.62
C ASP B 33 -14.06 50.85 -5.32
N VAL B 34 -14.13 49.50 -5.34
CA VAL B 34 -15.39 48.75 -5.12
C VAL B 34 -15.75 48.60 -3.66
N LEU B 35 -14.76 48.60 -2.74
CA LEU B 35 -15.06 48.37 -1.32
C LEU B 35 -16.01 49.42 -0.73
N GLU B 36 -16.81 49.01 0.29
CA GLU B 36 -17.75 49.89 0.98
C GLU B 36 -17.26 50.04 2.41
N GLU B 37 -17.06 51.27 2.87
CA GLU B 37 -16.61 51.58 4.22
C GLU B 37 -17.86 51.60 5.14
N THR B 38 -18.05 50.58 6.00
CA THR B 38 -19.23 50.46 6.86
C THR B 38 -18.83 50.60 8.32
N HIS B 39 -19.58 51.40 9.08
CA HIS B 39 -19.30 51.65 10.50
C HIS B 39 -20.29 50.86 11.33
N TYR B 40 -19.86 50.34 12.51
CA TYR B 40 -20.70 49.56 13.41
C TYR B 40 -20.47 50.04 14.81
N GLU B 41 -21.53 50.00 15.62
CA GLU B 41 -21.50 50.38 17.03
C GLU B 41 -21.12 49.18 17.86
N ASN B 42 -20.61 49.44 19.06
CA ASN B 42 -20.24 48.40 20.00
C ASN B 42 -21.50 47.58 20.40
N GLY B 43 -21.48 46.27 20.12
CA GLY B 43 -22.56 45.36 20.41
C GLY B 43 -23.25 44.82 19.18
N GLU B 44 -23.09 45.50 18.04
CA GLU B 44 -23.70 45.04 16.80
C GLU B 44 -23.10 43.77 16.27
N TYR B 45 -23.96 42.90 15.77
CA TYR B 45 -23.52 41.69 15.09
C TYR B 45 -23.16 42.09 13.65
N ILE B 46 -21.87 41.99 13.29
CA ILE B 46 -21.44 42.26 11.91
C ILE B 46 -21.91 41.04 11.08
N ILE B 47 -21.72 39.84 11.66
CA ILE B 47 -22.10 38.55 11.09
C ILE B 47 -22.79 37.73 12.18
N ARG B 48 -23.86 36.99 11.81
CA ARG B 48 -24.54 36.05 12.70
C ARG B 48 -24.32 34.66 12.15
N GLN B 49 -23.91 33.72 13.00
CA GLN B 49 -23.71 32.32 12.62
C GLN B 49 -25.05 31.75 12.08
N GLY B 50 -24.96 30.92 11.05
CA GLY B 50 -26.14 30.33 10.43
C GLY B 50 -26.75 31.16 9.32
N ALA B 51 -26.49 32.49 9.29
CA ALA B 51 -27.07 33.33 8.25
C ALA B 51 -26.37 33.11 6.92
N ARG B 52 -27.03 33.49 5.83
CA ARG B 52 -26.43 33.41 4.51
C ARG B 52 -25.49 34.64 4.39
N GLY B 53 -24.37 34.45 3.70
CA GLY B 53 -23.37 35.50 3.53
C GLY B 53 -22.82 35.62 2.14
N ASP B 54 -22.62 36.86 1.66
CA ASP B 54 -22.03 37.11 0.34
C ASP B 54 -21.05 38.31 0.34
N THR B 55 -20.47 38.64 1.52
CA THR B 55 -19.53 39.75 1.68
C THR B 55 -18.33 39.38 2.55
N PHE B 56 -17.19 40.02 2.24
CA PHE B 56 -15.92 39.84 2.93
C PHE B 56 -15.59 41.17 3.68
N PHE B 57 -14.90 41.09 4.84
CA PHE B 57 -14.60 42.29 5.63
C PHE B 57 -13.14 42.38 5.99
N ILE B 58 -12.62 43.61 6.00
CA ILE B 58 -11.27 43.94 6.45
C ILE B 58 -11.47 45.02 7.50
N ILE B 59 -11.03 44.80 8.76
CA ILE B 59 -11.22 45.78 9.83
C ILE B 59 -10.23 46.93 9.61
N SER B 60 -10.72 48.15 9.45
CA SER B 60 -9.83 49.32 9.31
C SER B 60 -9.80 50.13 10.64
N LYS B 61 -10.73 49.82 11.60
CA LYS B 61 -10.79 50.51 12.89
C LYS B 61 -11.54 49.63 13.90
N GLY B 62 -11.03 49.57 15.13
CA GLY B 62 -11.67 48.86 16.22
C GLY B 62 -11.30 47.41 16.34
N THR B 63 -12.13 46.67 17.08
CA THR B 63 -11.98 45.24 17.36
C THR B 63 -13.34 44.58 17.34
N VAL B 64 -13.34 43.27 17.10
CA VAL B 64 -14.56 42.46 17.03
C VAL B 64 -14.31 41.20 17.81
N ASN B 65 -15.38 40.55 18.27
CA ASN B 65 -15.31 39.27 18.96
C ASN B 65 -15.84 38.21 18.03
N VAL B 66 -15.18 37.07 17.96
CA VAL B 66 -15.63 35.94 17.14
C VAL B 66 -16.05 34.82 18.13
N THR B 67 -17.31 34.38 18.01
CA THR B 67 -17.87 33.33 18.87
C THR B 67 -18.53 32.28 17.99
N ARG B 68 -18.71 31.10 18.56
CA ARG B 68 -19.28 30.01 17.80
C ARG B 68 -19.89 28.98 18.69
N GLU B 69 -21.08 28.51 18.32
CA GLU B 69 -21.73 27.38 18.99
C GLU B 69 -21.52 26.14 18.07
N ASP B 70 -21.11 24.99 18.65
CA ASP B 70 -20.81 23.77 17.87
C ASP B 70 -22.08 23.11 17.29
N SER B 71 -23.25 23.24 17.98
CA SER B 71 -24.53 22.65 17.55
C SER B 71 -25.68 23.67 17.80
N PRO B 72 -26.90 23.48 17.21
CA PRO B 72 -28.00 24.45 17.33
C PRO B 72 -28.13 25.29 18.62
N SER B 73 -28.40 24.65 19.79
CA SER B 73 -28.61 25.36 21.07
C SER B 73 -27.48 25.00 22.05
N GLU B 74 -26.42 25.85 22.09
CA GLU B 74 -25.27 25.61 22.96
C GLU B 74 -24.62 26.89 23.44
N ASP B 75 -23.66 26.72 24.40
CA ASP B 75 -22.89 27.82 24.97
C ASP B 75 -22.00 28.36 23.85
N PRO B 76 -22.17 29.63 23.39
CA PRO B 76 -21.28 30.16 22.36
C PRO B 76 -19.86 30.29 22.91
N VAL B 77 -18.92 29.62 22.24
CA VAL B 77 -17.52 29.57 22.63
C VAL B 77 -16.83 30.81 22.07
N PHE B 78 -16.00 31.47 22.91
CA PHE B 78 -15.18 32.58 22.45
C PHE B 78 -14.03 31.97 21.65
N LEU B 79 -13.81 32.43 20.41
CA LEU B 79 -12.73 31.93 19.57
C LEU B 79 -11.58 32.92 19.61
N ARG B 80 -11.84 34.18 19.23
CA ARG B 80 -10.77 35.17 19.19
C ARG B 80 -11.31 36.57 18.97
N THR B 81 -10.48 37.57 19.26
CA THR B 81 -10.76 38.97 18.97
C THR B 81 -9.87 39.32 17.78
N LEU B 82 -10.42 40.05 16.80
CA LEU B 82 -9.71 40.53 15.63
C LEU B 82 -9.67 42.06 15.69
N GLY B 83 -8.62 42.66 15.14
CA GLY B 83 -8.44 44.10 15.17
C GLY B 83 -8.09 44.67 13.82
N LYS B 84 -7.62 45.92 13.81
CA LYS B 84 -7.23 46.64 12.61
C LYS B 84 -6.19 45.84 11.77
N GLY B 85 -6.50 45.65 10.48
CA GLY B 85 -5.67 44.86 9.59
C GLY B 85 -6.13 43.42 9.44
N ASP B 86 -6.93 42.91 10.38
CA ASP B 86 -7.47 41.56 10.27
C ASP B 86 -8.66 41.54 9.30
N TRP B 87 -9.06 40.34 8.89
CA TRP B 87 -10.18 40.19 7.98
C TRP B 87 -11.02 38.95 8.33
N PHE B 88 -12.28 38.91 7.85
CA PHE B 88 -13.18 37.79 8.12
C PHE B 88 -14.32 37.75 7.11
N GLY B 89 -15.07 36.64 7.13
CA GLY B 89 -16.24 36.47 6.27
C GLY B 89 -15.96 35.72 4.98
N GLU B 90 -14.75 35.17 4.78
CA GLU B 90 -14.41 34.44 3.55
C GLU B 90 -14.92 32.99 3.50
N LYS B 91 -15.16 32.35 4.65
CA LYS B 91 -15.60 30.95 4.67
C LYS B 91 -16.95 30.70 3.93
N ALA B 92 -17.92 31.64 4.04
CA ALA B 92 -19.20 31.53 3.35
C ALA B 92 -19.10 31.82 1.83
N LEU B 93 -17.96 32.37 1.37
CA LEU B 93 -17.71 32.67 -0.04
C LEU B 93 -17.02 31.51 -0.76
N GLN B 94 -16.30 30.64 -0.01
CA GLN B 94 -15.53 29.51 -0.54
C GLN B 94 -16.15 28.13 -0.24
N GLY B 95 -17.47 28.06 -0.15
CA GLY B 95 -18.12 26.79 0.15
C GLY B 95 -19.63 26.91 0.23
N GLU B 96 -20.19 26.47 1.36
CA GLU B 96 -21.64 26.60 1.60
C GLU B 96 -21.86 28.05 1.97
N ASP B 97 -22.98 28.68 1.53
CA ASP B 97 -23.28 30.07 1.92
C ASP B 97 -23.95 30.10 3.31
N VAL B 98 -23.25 29.59 4.36
CA VAL B 98 -23.72 29.71 5.71
C VAL B 98 -22.55 30.32 6.53
N ARG B 99 -22.85 31.32 7.36
CA ARG B 99 -21.85 31.92 8.25
C ARG B 99 -21.57 30.90 9.35
N THR B 100 -20.28 30.60 9.60
CA THR B 100 -19.85 29.58 10.54
C THR B 100 -19.52 30.10 11.95
N ALA B 101 -19.70 31.40 12.19
CA ALA B 101 -19.40 32.00 13.49
C ALA B 101 -20.05 33.35 13.57
N ASN B 102 -20.14 33.92 14.77
CA ASN B 102 -20.66 35.29 14.93
C ASN B 102 -19.49 36.24 14.99
N VAL B 103 -19.61 37.45 14.44
CA VAL B 103 -18.58 38.49 14.53
C VAL B 103 -19.29 39.72 15.09
N ILE B 104 -18.96 40.08 16.33
CA ILE B 104 -19.65 41.16 17.05
C ILE B 104 -18.69 42.31 17.25
N ALA B 105 -19.13 43.56 17.01
CA ALA B 105 -18.27 44.75 17.23
C ALA B 105 -18.06 44.88 18.75
N ALA B 106 -16.78 45.04 19.17
CA ALA B 106 -16.42 45.12 20.59
C ALA B 106 -16.07 46.57 21.00
N GLU B 107 -16.34 47.53 20.10
CA GLU B 107 -16.11 48.97 20.29
C GLU B 107 -16.61 49.60 18.97
N ALA B 108 -16.29 50.88 18.68
CA ALA B 108 -16.67 51.52 17.42
C ALA B 108 -15.79 50.89 16.32
N VAL B 109 -16.44 50.29 15.30
CA VAL B 109 -15.72 49.58 14.24
C VAL B 109 -15.99 50.16 12.88
N THR B 110 -15.00 50.07 11.99
CA THR B 110 -15.13 50.36 10.58
C THR B 110 -14.53 49.16 9.87
N CYS B 111 -15.29 48.62 8.91
CA CYS B 111 -14.86 47.56 8.03
C CYS B 111 -14.90 48.09 6.61
N LEU B 112 -14.02 47.57 5.77
CA LEU B 112 -14.01 47.82 4.35
C LEU B 112 -14.63 46.52 3.80
N VAL B 113 -15.86 46.60 3.33
CA VAL B 113 -16.67 45.47 2.90
C VAL B 113 -16.57 45.25 1.39
N ILE B 114 -16.26 44.02 0.97
CA ILE B 114 -16.11 43.64 -0.43
C ILE B 114 -17.19 42.57 -0.78
N ASP B 115 -17.92 42.80 -1.87
CA ASP B 115 -18.98 41.89 -2.33
C ASP B 115 -18.39 40.60 -2.90
N ARG B 116 -19.27 39.60 -3.08
CA ARG B 116 -18.94 38.26 -3.58
C ARG B 116 -18.20 38.27 -4.94
N ASP B 117 -18.72 39.00 -5.93
CA ASP B 117 -18.10 39.03 -7.26
C ASP B 117 -16.69 39.64 -7.20
N SER B 118 -16.54 40.80 -6.52
CA SER B 118 -15.25 41.48 -6.35
C SER B 118 -14.28 40.61 -5.60
N PHE B 119 -14.74 39.97 -4.52
CA PHE B 119 -13.89 39.08 -3.74
C PHE B 119 -13.36 37.96 -4.65
N LYS B 120 -14.23 37.35 -5.46
CA LYS B 120 -13.82 36.24 -6.31
C LYS B 120 -12.97 36.65 -7.48
N HIS B 121 -13.31 37.78 -8.13
CA HIS B 121 -12.55 38.27 -9.26
C HIS B 121 -11.19 38.81 -8.83
N LEU B 122 -11.14 39.62 -7.76
CA LEU B 122 -9.93 40.33 -7.33
C LEU B 122 -9.06 39.60 -6.33
N ILE B 123 -9.65 39.06 -5.28
CA ILE B 123 -8.89 38.34 -4.25
C ILE B 123 -8.79 36.84 -4.64
N GLY B 124 -9.86 36.28 -5.23
CA GLY B 124 -9.88 34.88 -5.68
C GLY B 124 -10.30 33.94 -4.60
N GLY B 125 -9.39 33.74 -3.65
CA GLY B 125 -9.63 32.86 -2.53
C GLY B 125 -8.53 32.96 -1.50
N LEU B 126 -8.91 32.78 -0.23
CA LEU B 126 -8.00 32.82 0.89
C LEU B 126 -8.08 31.48 1.64
N ASP B 127 -8.11 30.34 0.91
CA ASP B 127 -8.15 29.01 1.56
C ASP B 127 -6.76 28.74 2.14
N ASP B 128 -5.75 28.75 1.25
CA ASP B 128 -4.35 28.52 1.63
C ASP B 128 -3.80 29.74 2.40
N VAL B 129 -4.42 30.92 2.23
CA VAL B 129 -4.02 32.16 2.91
C VAL B 129 -4.57 32.18 4.34
N SER B 130 -5.85 31.80 4.58
CA SER B 130 -6.41 31.79 5.94
C SER B 130 -5.85 30.65 6.76
N ASN B 131 -5.44 29.50 6.11
CA ASN B 131 -4.82 28.37 6.83
C ASN B 131 -3.49 28.84 7.45
N LYS B 132 -2.71 29.66 6.70
CA LYS B 132 -1.41 30.19 7.12
C LYS B 132 -1.54 31.48 7.94
N ALA B 133 -2.41 32.42 7.49
CA ALA B 133 -2.57 33.71 8.18
C ALA B 133 -3.05 33.52 9.59
N TYR B 134 -4.08 32.66 9.77
CA TYR B 134 -4.65 32.40 11.09
C TYR B 134 -4.48 30.96 11.56
N GLU B 135 -4.15 30.82 12.85
CA GLU B 135 -4.01 29.52 13.49
C GLU B 135 -5.41 28.96 13.83
N ASP B 136 -5.45 27.72 14.38
CA ASP B 136 -6.70 27.04 14.73
C ASP B 136 -7.21 27.51 16.11
N ALA B 137 -8.04 28.57 16.11
CA ALA B 137 -8.64 29.13 17.32
C ALA B 137 -9.68 28.18 17.91
N GLU B 138 -10.37 27.37 17.05
CA GLU B 138 -11.37 26.37 17.50
C GLU B 138 -10.67 25.25 18.35
N ALA B 139 -9.49 24.80 17.89
CA ALA B 139 -8.67 23.81 18.61
C ALA B 139 -8.17 24.41 19.93
N LYS B 140 -7.69 25.66 19.90
CA LYS B 140 -7.22 26.33 21.12
C LYS B 140 -8.33 26.48 22.13
N ALA B 141 -9.51 26.94 21.67
CA ALA B 141 -10.69 27.12 22.50
C ALA B 141 -11.12 25.77 23.15
N LYS B 142 -11.07 24.65 22.40
CA LYS B 142 -11.41 23.30 22.89
C LYS B 142 -10.43 22.86 24.01
N TYR B 143 -9.10 23.05 23.76
CA TYR B 143 -8.09 22.65 24.72
C TYR B 143 -8.26 23.43 26.01
N GLU B 144 -8.54 24.72 25.92
CA GLU B 144 -8.73 25.58 27.10
C GLU B 144 -9.95 25.16 27.90
N ALA B 145 -11.05 24.83 27.20
CA ALA B 145 -12.29 24.37 27.83
C ALA B 145 -12.04 23.03 28.51
N GLU B 146 -11.36 22.07 27.82
CA GLU B 146 -11.02 20.75 28.39
C GLU B 146 -10.13 20.90 29.60
N ALA B 147 -9.10 21.74 29.54
CA ALA B 147 -8.19 21.92 30.67
C ALA B 147 -8.92 22.39 31.93
N ALA B 148 -9.88 23.32 31.78
CA ALA B 148 -10.66 23.83 32.91
C ALA B 148 -11.58 22.75 33.46
N PHE B 149 -12.25 22.01 32.57
CA PHE B 149 -13.16 20.92 32.92
C PHE B 149 -12.44 19.84 33.72
N PHE B 150 -11.29 19.37 33.22
CA PHE B 150 -10.51 18.31 33.90
C PHE B 150 -9.87 18.75 35.23
N ALA B 151 -9.40 20.01 35.32
CA ALA B 151 -8.80 20.55 36.55
C ALA B 151 -9.77 20.52 37.75
N ASN B 152 -11.07 20.64 37.48
CA ASN B 152 -12.12 20.67 38.51
C ASN B 152 -12.67 19.28 38.87
N LEU B 153 -12.10 18.19 38.34
CA LEU B 153 -12.56 16.84 38.67
C LEU B 153 -11.79 16.26 39.85
N LYS B 154 -12.41 15.32 40.54
CA LYS B 154 -11.83 14.58 41.66
C LYS B 154 -12.06 13.09 41.40
N LEU B 155 -11.35 12.22 42.13
CA LEU B 155 -11.56 10.77 41.99
C LEU B 155 -12.99 10.37 42.38
N SER B 156 -13.66 11.17 43.26
CA SER B 156 -15.04 10.91 43.70
C SER B 156 -16.09 11.13 42.59
N ASP B 157 -15.72 11.76 41.45
CA ASP B 157 -16.66 12.02 40.35
C ASP B 157 -16.82 10.84 39.39
N PHE B 158 -16.10 9.72 39.60
CA PHE B 158 -16.11 8.59 38.67
C PHE B 158 -16.74 7.31 39.17
N ASN B 159 -17.30 6.53 38.23
CA ASN B 159 -17.81 5.16 38.46
C ASN B 159 -16.96 4.24 37.59
N ILE B 160 -16.60 3.07 38.08
CA ILE B 160 -15.94 2.03 37.28
C ILE B 160 -17.09 1.33 36.56
N ILE B 161 -16.96 1.12 35.27
CA ILE B 161 -17.97 0.44 34.45
C ILE B 161 -17.55 -0.99 34.14
N ASP B 162 -16.35 -1.14 33.59
CA ASP B 162 -15.82 -2.41 33.13
C ASP B 162 -14.30 -2.33 33.09
N THR B 163 -13.65 -3.38 32.62
CA THR B 163 -12.20 -3.47 32.52
C THR B 163 -11.88 -3.55 31.06
N LEU B 164 -10.97 -2.68 30.61
CA LEU B 164 -10.53 -2.65 29.23
C LEU B 164 -9.41 -3.65 29.06
N GLY B 165 -8.48 -3.65 30.01
CA GLY B 165 -7.37 -4.59 29.95
C GLY B 165 -6.45 -4.53 31.16
N VAL B 166 -5.62 -5.55 31.32
CA VAL B 166 -4.66 -5.64 32.41
C VAL B 166 -3.27 -5.86 31.83
N GLY B 167 -2.35 -4.94 32.14
CA GLY B 167 -0.95 -5.05 31.75
C GLY B 167 -0.10 -5.54 32.92
N GLY B 168 1.21 -5.54 32.72
CA GLY B 168 2.16 -5.98 33.74
C GLY B 168 2.23 -5.07 34.96
N PHE B 169 2.02 -3.75 34.76
CA PHE B 169 2.12 -2.74 35.83
C PHE B 169 0.77 -2.31 36.44
N GLY B 170 -0.28 -2.31 35.64
CA GLY B 170 -1.59 -1.96 36.15
C GLY B 170 -2.74 -2.14 35.19
N ARG B 171 -3.94 -2.20 35.77
CA ARG B 171 -5.18 -2.38 35.04
C ARG B 171 -5.74 -1.09 34.46
N VAL B 172 -6.44 -1.23 33.34
CA VAL B 172 -7.11 -0.11 32.67
C VAL B 172 -8.61 -0.37 32.72
N GLU B 173 -9.31 0.49 33.45
CA GLU B 173 -10.76 0.39 33.65
C GLU B 173 -11.48 1.38 32.78
N LEU B 174 -12.71 1.02 32.36
CA LEU B 174 -13.55 1.97 31.67
C LEU B 174 -14.26 2.69 32.80
N VAL B 175 -14.15 4.02 32.86
CA VAL B 175 -14.75 4.84 33.90
C VAL B 175 -15.71 5.81 33.25
N GLN B 176 -16.64 6.28 34.04
CA GLN B 176 -17.72 7.15 33.61
C GLN B 176 -17.91 8.24 34.64
N LEU B 177 -18.27 9.44 34.21
CA LEU B 177 -18.58 10.51 35.16
C LEU B 177 -19.96 10.26 35.74
N LYS B 178 -20.10 10.35 37.08
CA LYS B 178 -21.39 10.13 37.76
C LYS B 178 -22.48 11.10 37.25
N SER B 179 -22.13 12.39 37.11
CA SER B 179 -23.03 13.45 36.65
C SER B 179 -23.42 13.33 35.17
N GLU B 180 -22.46 12.90 34.32
CA GLU B 180 -22.66 12.79 32.88
C GLU B 180 -22.34 11.38 32.44
N GLU B 181 -23.31 10.46 32.59
CA GLU B 181 -23.17 9.04 32.26
C GLU B 181 -22.71 8.72 30.80
N SER B 182 -22.99 9.62 29.82
CA SER B 182 -22.56 9.40 28.44
C SER B 182 -21.04 9.59 28.26
N LYS B 183 -20.37 10.35 29.17
CA LYS B 183 -18.94 10.62 29.10
C LYS B 183 -18.06 9.54 29.80
N THR B 184 -17.48 8.62 28.99
CA THR B 184 -16.59 7.57 29.49
C THR B 184 -15.11 7.81 29.09
N PHE B 185 -14.20 7.28 29.93
CA PHE B 185 -12.75 7.39 29.78
C PHE B 185 -12.09 6.06 30.14
N ALA B 186 -10.82 5.92 29.77
CA ALA B 186 -9.98 4.78 30.12
C ALA B 186 -9.14 5.27 31.31
N MET B 187 -9.26 4.64 32.49
CA MET B 187 -8.51 5.01 33.68
C MET B 187 -7.44 3.95 33.95
N LYS B 188 -6.16 4.29 33.79
CA LYS B 188 -5.07 3.36 34.13
C LYS B 188 -4.73 3.57 35.62
N ILE B 189 -4.85 2.49 36.43
CA ILE B 189 -4.61 2.50 37.88
C ILE B 189 -3.33 1.71 38.15
N LEU B 190 -2.30 2.37 38.71
CA LEU B 190 -1.01 1.75 39.02
C LEU B 190 -0.79 1.80 40.52
N LYS B 191 -0.30 0.72 41.15
CA LYS B 191 0.00 0.75 42.60
C LYS B 191 1.42 1.33 42.77
N LYS B 192 1.60 2.35 43.65
CA LYS B 192 2.91 2.99 43.88
C LYS B 192 3.95 1.96 44.30
N ARG B 193 3.58 1.12 45.31
CA ARG B 193 4.42 0.05 45.84
C ARG B 193 4.97 -0.80 44.68
N HIS B 194 4.12 -1.17 43.71
CA HIS B 194 4.55 -1.96 42.54
C HIS B 194 5.53 -1.18 41.65
N ILE B 195 5.30 0.13 41.45
CA ILE B 195 6.18 0.95 40.61
C ILE B 195 7.59 1.04 41.22
N VAL B 196 7.70 1.10 42.56
CA VAL B 196 8.99 1.17 43.26
C VAL B 196 9.75 -0.16 43.08
N ASP B 197 9.12 -1.27 43.48
CA ASP B 197 9.67 -2.63 43.45
C ASP B 197 10.14 -3.09 42.06
N THR B 198 9.44 -2.68 40.98
CA THR B 198 9.82 -3.07 39.61
C THR B 198 10.77 -2.04 38.94
N ARG B 199 11.18 -0.98 39.68
CA ARG B 199 12.09 0.07 39.21
C ARG B 199 11.58 0.83 37.95
N GLN B 200 10.25 1.08 37.88
CA GLN B 200 9.62 1.79 36.75
C GLN B 200 9.28 3.25 37.09
N GLN B 201 9.88 3.85 38.15
CA GLN B 201 9.59 5.22 38.62
C GLN B 201 9.90 6.27 37.54
N GLU B 202 10.96 6.05 36.73
CA GLU B 202 11.34 6.95 35.63
C GLU B 202 10.45 6.67 34.42
N HIS B 203 10.12 5.40 34.14
CA HIS B 203 9.26 5.04 33.00
C HIS B 203 7.84 5.63 33.14
N ILE B 204 7.31 5.67 34.38
CA ILE B 204 5.98 6.21 34.69
C ILE B 204 5.99 7.74 34.61
N ARG B 205 7.02 8.40 35.20
CA ARG B 205 7.17 9.87 35.17
C ARG B 205 7.26 10.36 33.72
N SER B 206 8.09 9.70 32.91
CA SER B 206 8.25 10.04 31.51
C SER B 206 6.96 9.81 30.69
N GLU B 207 6.28 8.67 30.91
CA GLU B 207 5.03 8.32 30.21
C GLU B 207 3.97 9.41 30.44
N LYS B 208 3.82 9.89 31.70
CA LYS B 208 2.87 10.96 32.05
C LYS B 208 3.25 12.28 31.37
N GLN B 209 4.52 12.72 31.52
CA GLN B 209 5.00 13.97 30.94
C GLN B 209 4.78 14.03 29.43
N ILE B 210 5.14 12.94 28.72
CA ILE B 210 4.99 12.88 27.26
C ILE B 210 3.55 12.80 26.84
N MET B 211 2.78 11.84 27.38
CA MET B 211 1.38 11.66 26.97
C MET B 211 0.50 12.83 27.32
N GLN B 212 0.71 13.44 28.50
CA GLN B 212 -0.12 14.55 28.94
C GLN B 212 0.15 15.78 28.14
N GLY B 213 1.42 16.00 27.82
CA GLY B 213 1.84 17.13 27.02
C GLY B 213 1.63 16.96 25.53
N ALA B 214 1.24 15.75 25.05
CA ALA B 214 1.00 15.49 23.64
C ALA B 214 -0.42 15.80 23.26
N HIS B 215 -0.61 16.57 22.17
CA HIS B 215 -1.93 16.91 21.64
C HIS B 215 -1.99 16.56 20.15
N SER B 216 -2.27 15.29 19.87
CA SER B 216 -2.35 14.82 18.49
C SER B 216 -3.52 13.89 18.37
N ASP B 217 -4.24 13.96 17.23
CA ASP B 217 -5.38 13.08 16.99
C ASP B 217 -4.97 11.64 16.69
N PHE B 218 -3.65 11.37 16.51
CA PHE B 218 -3.12 10.02 16.27
C PHE B 218 -2.44 9.48 17.52
N ILE B 219 -2.57 10.18 18.67
CA ILE B 219 -2.01 9.74 19.95
C ILE B 219 -3.12 9.80 21.00
N VAL B 220 -3.34 8.70 21.74
CA VAL B 220 -4.35 8.63 22.80
C VAL B 220 -4.09 9.79 23.82
N ARG B 221 -5.15 10.56 24.16
CA ARG B 221 -5.02 11.68 25.09
C ARG B 221 -4.90 11.22 26.51
N LEU B 222 -3.98 11.82 27.30
CA LEU B 222 -3.90 11.63 28.76
C LEU B 222 -4.39 12.99 29.25
N TYR B 223 -5.66 13.07 29.67
CA TYR B 223 -6.26 14.35 30.10
C TYR B 223 -5.62 14.86 31.36
N ARG B 224 -5.41 13.96 32.32
CA ARG B 224 -4.79 14.32 33.58
C ARG B 224 -4.56 13.07 34.39
N THR B 225 -3.93 13.25 35.54
CA THR B 225 -3.71 12.18 36.50
C THR B 225 -4.24 12.60 37.87
N PHE B 226 -4.46 11.61 38.73
CA PHE B 226 -4.81 11.82 40.13
C PHE B 226 -3.94 10.88 40.92
N LYS B 227 -3.94 11.07 42.22
CA LYS B 227 -3.19 10.19 43.13
C LYS B 227 -3.88 10.16 44.49
N ASP B 228 -3.50 9.17 45.30
CA ASP B 228 -3.98 9.02 46.67
C ASP B 228 -2.82 8.40 47.48
N SER B 229 -3.06 7.86 48.70
CA SER B 229 -1.97 7.30 49.50
C SER B 229 -1.13 6.24 48.79
N LYS B 230 -1.78 5.30 48.06
CA LYS B 230 -1.07 4.16 47.46
C LYS B 230 -1.14 4.01 45.92
N TYR B 231 -2.08 4.72 45.22
CA TYR B 231 -2.24 4.57 43.76
C TYR B 231 -2.05 5.82 42.92
N LEU B 232 -1.67 5.63 41.65
CA LEU B 232 -1.57 6.67 40.62
C LEU B 232 -2.69 6.35 39.64
N TYR B 233 -3.39 7.38 39.16
CA TYR B 233 -4.53 7.24 38.26
C TYR B 233 -4.33 8.11 37.05
N MET B 234 -4.44 7.52 35.86
CA MET B 234 -4.22 8.22 34.60
C MET B 234 -5.49 8.24 33.79
N LEU B 235 -6.15 9.43 33.71
CA LEU B 235 -7.40 9.58 32.98
C LEU B 235 -7.08 9.79 31.49
N MET B 236 -7.43 8.79 30.67
CA MET B 236 -7.20 8.85 29.23
C MET B 236 -8.46 8.77 28.39
N GLU B 237 -8.30 9.08 27.12
CA GLU B 237 -9.32 8.95 26.09
C GLU B 237 -9.62 7.43 25.93
N ALA B 238 -10.90 7.03 25.96
CA ALA B 238 -11.29 5.64 25.76
C ALA B 238 -11.41 5.41 24.24
N CYS B 239 -10.65 4.43 23.72
CA CYS B 239 -10.66 4.07 22.30
C CYS B 239 -11.31 2.72 22.23
N LEU B 240 -12.59 2.71 21.89
CA LEU B 240 -13.41 1.50 21.96
C LEU B 240 -13.45 0.64 20.68
N GLY B 241 -12.73 1.02 19.64
CA GLY B 241 -12.66 0.19 18.42
C GLY B 241 -11.85 -1.08 18.62
N GLY B 242 -10.98 -1.11 19.64
CA GLY B 242 -10.16 -2.26 20.00
C GLY B 242 -8.70 -2.15 19.57
N GLU B 243 -7.89 -3.14 19.97
CA GLU B 243 -6.48 -3.18 19.59
C GLU B 243 -6.34 -3.59 18.14
N LEU B 244 -5.43 -3.00 17.43
CA LEU B 244 -5.14 -3.43 16.05
C LEU B 244 -4.61 -4.90 16.01
N TRP B 245 -3.91 -5.36 17.06
CA TRP B 245 -3.41 -6.72 17.07
C TRP B 245 -4.56 -7.76 16.98
N THR B 246 -5.63 -7.60 17.78
CA THR B 246 -6.72 -8.58 17.74
C THR B 246 -7.41 -8.55 16.37
N ILE B 247 -7.54 -7.39 15.79
CA ILE B 247 -8.16 -7.29 14.47
C ILE B 247 -7.30 -8.06 13.43
N LEU B 248 -5.94 -7.90 13.51
CA LEU B 248 -4.98 -8.55 12.62
C LEU B 248 -5.02 -10.08 12.81
N ARG B 249 -4.98 -10.54 14.07
CA ARG B 249 -5.09 -11.96 14.42
C ARG B 249 -6.38 -12.56 13.79
N ASP B 250 -7.53 -11.84 13.89
CA ASP B 250 -8.82 -12.29 13.36
C ASP B 250 -8.85 -12.36 11.85
N ARG B 251 -8.43 -11.30 11.16
CA ARG B 251 -8.40 -11.26 9.68
C ARG B 251 -7.20 -12.02 9.04
N GLY B 252 -6.15 -12.31 9.82
CA GLY B 252 -4.95 -12.97 9.31
C GLY B 252 -3.91 -11.98 8.78
N SER B 253 -4.33 -11.12 7.82
CA SER B 253 -3.48 -10.07 7.25
C SER B 253 -4.37 -8.98 6.67
N PHE B 254 -3.84 -7.77 6.48
CA PHE B 254 -4.59 -6.62 5.95
C PHE B 254 -4.23 -6.35 4.51
N GLU B 255 -5.19 -5.91 3.72
CA GLU B 255 -4.92 -5.56 2.31
C GLU B 255 -4.02 -4.33 2.24
N ASP B 256 -3.45 -4.08 1.07
CA ASP B 256 -2.56 -2.96 0.85
C ASP B 256 -3.15 -1.62 1.29
N SER B 257 -4.40 -1.32 0.83
CA SER B 257 -5.08 -0.05 1.17
C SER B 257 -5.40 0.08 2.69
N THR B 258 -5.72 -1.04 3.36
CA THR B 258 -6.02 -1.07 4.80
C THR B 258 -4.74 -0.74 5.60
N THR B 259 -3.65 -1.48 5.27
CA THR B 259 -2.34 -1.27 5.87
C THR B 259 -1.91 0.20 5.71
N ARG B 260 -2.14 0.76 4.50
CA ARG B 260 -1.77 2.15 4.18
C ARG B 260 -2.41 3.16 5.09
N PHE B 261 -3.70 2.99 5.38
CA PHE B 261 -4.43 3.89 6.28
C PHE B 261 -3.79 3.86 7.69
N TYR B 262 -3.54 2.65 8.24
CA TYR B 262 -2.93 2.52 9.56
C TYR B 262 -1.50 2.99 9.60
N THR B 263 -0.71 2.74 8.55
CA THR B 263 0.67 3.23 8.49
C THR B 263 0.68 4.77 8.46
N ALA B 264 -0.28 5.38 7.72
CA ALA B 264 -0.40 6.84 7.65
C ALA B 264 -0.74 7.44 9.04
N CYS B 265 -1.61 6.79 9.83
CA CYS B 265 -1.91 7.20 11.22
C CYS B 265 -0.61 7.26 12.04
N VAL B 266 0.25 6.23 11.89
CA VAL B 266 1.54 6.17 12.59
C VAL B 266 2.50 7.26 12.08
N VAL B 267 2.54 7.47 10.75
CA VAL B 267 3.38 8.51 10.17
C VAL B 267 3.01 9.87 10.77
N GLU B 268 1.70 10.13 10.97
CA GLU B 268 1.24 11.38 11.56
C GLU B 268 1.64 11.49 13.03
N ALA B 269 1.48 10.41 13.81
CA ALA B 269 1.89 10.40 15.22
C ALA B 269 3.42 10.58 15.33
N PHE B 270 4.19 9.94 14.43
CA PHE B 270 5.66 10.12 14.41
C PHE B 270 6.05 11.53 13.95
N ALA B 271 5.40 12.09 12.91
CA ALA B 271 5.68 13.48 12.45
C ALA B 271 5.51 14.42 13.68
N TYR B 272 4.41 14.26 14.42
CA TYR B 272 4.16 15.03 15.63
C TYR B 272 5.28 14.84 16.71
N LEU B 273 5.51 13.59 17.16
CA LEU B 273 6.48 13.32 18.20
C LEU B 273 7.90 13.72 17.81
N HIS B 274 8.31 13.39 16.58
CA HIS B 274 9.67 13.69 16.13
C HIS B 274 9.92 15.21 16.02
N SER B 275 8.87 16.02 15.70
CA SER B 275 9.00 17.50 15.67
C SER B 275 9.25 18.08 17.09
N LYS B 276 8.94 17.31 18.16
CA LYS B 276 9.15 17.73 19.54
C LYS B 276 10.40 17.09 20.15
N GLY B 277 11.19 16.35 19.36
CA GLY B 277 12.37 15.68 19.86
C GLY B 277 12.05 14.48 20.74
N ILE B 278 10.87 13.86 20.54
CA ILE B 278 10.45 12.70 21.31
C ILE B 278 10.56 11.44 20.46
N ILE B 279 11.16 10.40 21.04
CA ILE B 279 11.29 9.09 20.39
C ILE B 279 10.25 8.18 21.03
N TYR B 280 9.54 7.37 20.25
CA TYR B 280 8.47 6.51 20.76
C TYR B 280 9.00 5.13 21.24
N ARG B 281 9.78 4.43 20.40
CA ARG B 281 10.42 3.15 20.70
C ARG B 281 9.53 1.94 21.04
N ASP B 282 8.23 1.99 20.87
CA ASP B 282 7.48 0.78 21.17
C ASP B 282 6.41 0.52 20.16
N LEU B 283 6.69 0.79 18.89
CA LEU B 283 5.69 0.54 17.85
C LEU B 283 5.53 -0.97 17.64
N LYS B 284 4.29 -1.41 17.57
CA LYS B 284 3.91 -2.79 17.32
C LYS B 284 2.40 -2.80 17.18
N PRO B 285 1.76 -3.83 16.57
CA PRO B 285 0.29 -3.79 16.43
C PRO B 285 -0.49 -3.66 17.75
N GLU B 286 0.04 -4.21 18.87
CA GLU B 286 -0.67 -4.11 20.16
C GLU B 286 -0.62 -2.72 20.79
N ASN B 287 0.17 -1.78 20.23
CA ASN B 287 0.25 -0.40 20.71
C ASN B 287 -0.52 0.56 19.80
N LEU B 288 -1.34 0.03 18.89
CA LEU B 288 -2.20 0.79 18.01
C LEU B 288 -3.60 0.42 18.40
N ILE B 289 -4.37 1.40 18.83
CA ILE B 289 -5.74 1.18 19.31
C ILE B 289 -6.67 1.98 18.39
N LEU B 290 -7.79 1.37 17.99
CA LEU B 290 -8.75 2.04 17.13
C LEU B 290 -9.75 2.75 18.00
N ASP B 291 -10.10 3.99 17.65
CA ASP B 291 -11.18 4.66 18.34
C ASP B 291 -12.52 4.12 17.71
N HIS B 292 -13.67 4.58 18.22
CA HIS B 292 -14.97 4.10 17.74
C HIS B 292 -15.20 4.31 16.22
N ARG B 293 -14.52 5.29 15.60
CA ARG B 293 -14.62 5.56 14.16
C ARG B 293 -13.77 4.62 13.27
N GLY B 294 -12.71 4.04 13.83
CA GLY B 294 -11.78 3.20 13.08
C GLY B 294 -10.44 3.89 12.87
N TYR B 295 -10.27 5.09 13.44
CA TYR B 295 -8.99 5.81 13.36
C TYR B 295 -8.04 5.19 14.37
N ALA B 296 -6.80 4.84 13.95
CA ALA B 296 -5.78 4.26 14.82
C ALA B 296 -4.99 5.34 15.59
N LYS B 297 -4.66 5.09 16.87
CA LYS B 297 -3.87 6.00 17.71
C LYS B 297 -2.79 5.21 18.49
N LEU B 298 -1.61 5.83 18.76
CA LEU B 298 -0.56 5.23 19.58
C LEU B 298 -1.01 5.30 21.03
N VAL B 299 -0.79 4.25 21.84
CA VAL B 299 -1.27 4.26 23.23
C VAL B 299 -0.20 4.10 24.30
N ASP B 300 0.83 3.27 24.14
CA ASP B 300 1.75 2.99 25.27
C ASP B 300 3.05 3.80 25.16
N PHE B 301 3.33 4.69 26.13
CA PHE B 301 4.52 5.58 26.11
C PHE B 301 5.56 5.25 27.21
N GLY B 302 5.65 3.98 27.61
CA GLY B 302 6.59 3.53 28.63
C GLY B 302 8.06 3.58 28.22
N PHE B 303 8.34 3.41 26.89
CA PHE B 303 9.69 3.48 26.32
C PHE B 303 9.92 4.80 25.61
N ALA B 304 8.94 5.71 25.56
CA ALA B 304 9.10 6.99 24.87
C ALA B 304 10.00 7.91 25.65
N LYS B 305 10.71 8.82 24.99
CA LYS B 305 11.65 9.71 25.68
C LYS B 305 11.88 10.98 24.93
N LYS B 306 11.98 12.12 25.66
CA LYS B 306 12.32 13.40 25.02
C LYS B 306 13.85 13.42 24.96
N ILE B 307 14.38 13.23 23.75
CA ILE B 307 15.83 13.17 23.53
C ILE B 307 16.37 14.41 22.82
N GLY B 308 15.51 15.32 22.37
CA GLY B 308 15.96 16.51 21.68
C GLY B 308 16.37 16.23 20.24
N PHE B 309 17.12 17.17 19.65
CA PHE B 309 17.58 17.10 18.26
C PHE B 309 19.10 16.89 18.25
N GLY B 310 19.57 16.09 17.29
CA GLY B 310 20.98 15.77 17.13
C GLY B 310 21.64 14.99 18.27
N LYS B 311 20.85 14.32 19.14
CA LYS B 311 21.38 13.57 20.28
C LYS B 311 21.00 12.10 20.20
N LYS B 312 21.87 11.24 20.72
CA LYS B 312 21.61 9.81 20.81
C LYS B 312 21.15 9.49 22.23
N THR B 313 20.40 8.40 22.37
CA THR B 313 19.99 7.86 23.65
C THR B 313 20.49 6.42 23.64
N TRP B 314 20.71 5.83 24.83
CA TRP B 314 21.42 4.57 24.98
C TRP B 314 20.65 3.39 25.56
N TPO B 315 19.41 3.58 26.04
CA TPO B 315 18.68 2.47 26.67
CB TPO B 315 17.53 2.97 27.57
CG2 TPO B 315 16.90 1.92 28.50
OG1 TPO B 315 17.95 4.16 28.29
P TPO B 315 17.24 5.46 27.89
O1P TPO B 315 17.45 5.73 26.44
O2P TPO B 315 17.60 6.64 28.78
O3P TPO B 315 15.78 5.34 28.16
C TPO B 315 18.13 1.38 25.73
O TPO B 315 17.34 1.64 24.82
N PHE B 316 18.52 0.12 26.00
CA PHE B 316 17.94 -1.05 25.32
C PHE B 316 16.46 -1.22 25.74
N CYS B 317 15.53 -1.16 24.78
CA CYS B 317 14.10 -1.37 25.04
C CYS B 317 13.36 -1.58 23.73
N GLY B 318 12.14 -2.10 23.86
CA GLY B 318 11.23 -2.36 22.74
C GLY B 318 10.81 -3.82 22.75
N THR B 319 10.15 -4.25 21.68
CA THR B 319 9.69 -5.63 21.52
C THR B 319 10.69 -6.32 20.58
N PRO B 320 11.16 -7.54 20.89
CA PRO B 320 12.23 -8.16 20.08
C PRO B 320 12.11 -8.04 18.56
N GLU B 321 10.91 -8.28 18.01
CA GLU B 321 10.68 -8.26 16.56
C GLU B 321 10.82 -6.85 15.91
N TYR B 322 10.56 -5.79 16.70
CA TYR B 322 10.53 -4.39 16.25
C TYR B 322 11.76 -3.59 16.59
N VAL B 323 12.67 -4.10 17.47
CA VAL B 323 13.91 -3.36 17.82
C VAL B 323 14.84 -3.19 16.62
N ALA B 324 15.38 -1.96 16.49
CA ALA B 324 16.32 -1.61 15.44
C ALA B 324 17.72 -2.19 15.75
N PRO B 325 18.55 -2.46 14.73
CA PRO B 325 19.89 -3.06 14.98
C PRO B 325 20.81 -2.31 15.96
N GLU B 326 20.86 -0.96 15.90
CA GLU B 326 21.66 -0.12 16.81
C GLU B 326 21.16 -0.19 18.28
N ILE B 327 19.91 -0.59 18.50
CA ILE B 327 19.38 -0.79 19.83
C ILE B 327 19.88 -2.16 20.30
N ILE B 328 19.74 -3.20 19.43
CA ILE B 328 20.24 -4.56 19.72
C ILE B 328 21.72 -4.49 20.05
N LEU B 329 22.48 -3.79 19.22
CA LEU B 329 23.94 -3.68 19.41
C LEU B 329 24.35 -2.68 20.46
N ASN B 330 23.42 -1.95 21.10
CA ASN B 330 23.71 -0.97 22.15
C ASN B 330 24.74 0.03 21.71
N LYS B 331 24.53 0.64 20.55
CA LYS B 331 25.47 1.62 19.97
C LYS B 331 24.93 3.05 19.99
N GLY B 332 23.82 3.27 20.70
CA GLY B 332 23.15 4.55 20.73
C GLY B 332 22.13 4.63 19.60
N HIS B 333 21.08 5.38 19.82
CA HIS B 333 20.01 5.54 18.82
C HIS B 333 19.31 6.87 18.94
N ASP B 334 18.55 7.24 17.91
CA ASP B 334 17.78 8.49 17.89
C ASP B 334 16.40 8.20 17.24
N ILE B 335 15.67 9.25 16.82
CA ILE B 335 14.33 9.09 16.25
C ILE B 335 14.32 8.19 15.00
N SER B 336 15.44 7.99 14.30
CA SER B 336 15.45 7.06 13.15
C SER B 336 15.18 5.56 13.56
N ALA B 337 15.31 5.19 14.85
CA ALA B 337 14.96 3.84 15.29
C ALA B 337 13.45 3.62 15.08
N ASP B 338 12.65 4.69 15.20
CA ASP B 338 11.19 4.64 14.96
C ASP B 338 10.84 4.37 13.50
N TYR B 339 11.61 4.90 12.54
CA TYR B 339 11.36 4.64 11.10
C TYR B 339 11.64 3.18 10.77
N TRP B 340 12.68 2.59 11.41
CA TRP B 340 12.96 1.16 11.26
C TRP B 340 11.70 0.37 11.67
N SER B 341 11.14 0.63 12.87
CA SER B 341 9.93 -0.03 13.36
C SER B 341 8.73 0.11 12.44
N LEU B 342 8.59 1.27 11.77
CA LEU B 342 7.49 1.49 10.86
C LEU B 342 7.55 0.47 9.69
N GLY B 343 8.76 0.15 9.19
CA GLY B 343 8.92 -0.80 8.11
C GLY B 343 8.49 -2.19 8.57
N ILE B 344 8.82 -2.53 9.82
CA ILE B 344 8.47 -3.81 10.44
C ILE B 344 6.95 -3.90 10.52
N LEU B 345 6.31 -2.76 10.93
CA LEU B 345 4.86 -2.69 11.09
C LEU B 345 4.17 -2.95 9.76
N MET B 346 4.56 -2.23 8.73
CA MET B 346 3.99 -2.42 7.40
C MET B 346 4.06 -3.91 7.01
N TYR B 347 5.25 -4.52 7.13
CA TYR B 347 5.47 -5.93 6.78
C TYR B 347 4.53 -6.86 7.58
N GLU B 348 4.45 -6.67 8.92
CA GLU B 348 3.55 -7.49 9.75
C GLU B 348 2.05 -7.27 9.40
N LEU B 349 1.60 -6.02 9.16
CA LEU B 349 0.20 -5.77 8.79
C LEU B 349 -0.15 -6.40 7.41
N LEU B 350 0.79 -6.44 6.44
CA LEU B 350 0.52 -7.01 5.11
C LEU B 350 0.50 -8.54 5.08
N THR B 351 1.29 -9.20 5.94
CA THR B 351 1.45 -10.65 5.92
C THR B 351 0.95 -11.38 7.14
N GLY B 352 0.71 -10.67 8.25
CA GLY B 352 0.32 -11.29 9.51
C GLY B 352 1.49 -11.68 10.39
N SER B 353 2.74 -11.69 9.85
CA SER B 353 3.97 -12.05 10.59
C SER B 353 5.03 -10.98 10.41
N PRO B 354 5.82 -10.70 11.46
CA PRO B 354 6.92 -9.76 11.29
C PRO B 354 8.03 -10.40 10.44
N PRO B 355 8.88 -9.58 9.78
CA PRO B 355 9.91 -10.14 8.88
C PRO B 355 10.95 -10.99 9.58
N PHE B 356 11.41 -10.55 10.76
CA PHE B 356 12.45 -11.20 11.56
C PHE B 356 11.78 -11.88 12.76
N SER B 357 11.85 -13.21 12.82
CA SER B 357 11.21 -13.93 13.94
C SER B 357 11.88 -15.29 14.22
N GLY B 358 12.41 -15.44 15.44
CA GLY B 358 13.02 -16.66 15.93
C GLY B 358 12.18 -17.28 17.03
N PRO B 359 12.52 -18.50 17.51
CA PRO B 359 11.72 -19.12 18.59
C PRO B 359 11.81 -18.39 19.93
N ASP B 360 12.90 -17.65 20.19
CA ASP B 360 13.07 -16.85 21.39
C ASP B 360 13.74 -15.48 21.01
N PRO B 361 13.74 -14.47 21.92
CA PRO B 361 14.34 -13.15 21.61
C PRO B 361 15.76 -13.14 21.05
N MET B 362 16.62 -14.01 21.56
CA MET B 362 18.03 -14.07 21.15
C MET B 362 18.19 -14.47 19.68
N LYS B 363 17.40 -15.41 19.21
CA LYS B 363 17.45 -15.84 17.82
C LYS B 363 16.80 -14.79 16.93
N THR B 364 15.74 -14.08 17.41
CA THR B 364 15.11 -12.97 16.68
C THR B 364 16.14 -11.84 16.43
N TYR B 365 16.96 -11.48 17.47
CA TYR B 365 17.98 -10.44 17.33
C TYR B 365 19.01 -10.81 16.31
N ASN B 366 19.40 -12.10 16.26
CA ASN B 366 20.38 -12.58 15.28
C ASN B 366 19.84 -12.43 13.85
N ILE B 367 18.58 -12.81 13.63
CA ILE B 367 17.92 -12.69 12.32
C ILE B 367 17.82 -11.18 11.93
N ILE B 368 17.49 -10.28 12.88
CA ILE B 368 17.41 -8.84 12.59
C ILE B 368 18.77 -8.31 12.10
N LEU B 369 19.87 -8.76 12.73
CA LEU B 369 21.21 -8.30 12.36
C LEU B 369 21.63 -8.73 10.96
N ARG B 370 21.10 -9.87 10.43
CA ARG B 370 21.39 -10.25 9.03
C ARG B 370 20.76 -9.24 8.05
N GLY B 371 19.70 -8.53 8.48
CA GLY B 371 19.08 -7.49 7.67
C GLY B 371 17.95 -7.94 6.78
N ILE B 372 17.18 -6.96 6.29
CA ILE B 372 15.97 -7.11 5.47
C ILE B 372 16.23 -7.75 4.07
N ASP B 373 17.46 -7.67 3.54
CA ASP B 373 17.77 -8.28 2.23
C ASP B 373 17.92 -9.78 2.28
N MET B 374 17.97 -10.41 3.48
CA MET B 374 18.06 -11.86 3.61
C MET B 374 16.70 -12.47 3.84
N ILE B 375 15.65 -11.64 3.88
CA ILE B 375 14.26 -12.03 4.10
C ILE B 375 13.57 -12.16 2.76
N GLU B 376 12.87 -13.29 2.53
CA GLU B 376 12.12 -13.51 1.30
C GLU B 376 10.75 -12.88 1.51
N PHE B 377 10.44 -11.87 0.72
CA PHE B 377 9.18 -11.16 0.82
C PHE B 377 8.08 -11.98 0.13
N PRO B 378 6.94 -12.28 0.78
CA PRO B 378 5.86 -12.95 0.05
C PRO B 378 5.42 -12.10 -1.16
N LYS B 379 5.09 -12.74 -2.30
CA LYS B 379 4.66 -12.03 -3.53
C LYS B 379 3.41 -11.16 -3.31
N LYS B 380 2.64 -11.39 -2.22
CA LYS B 380 1.48 -10.55 -1.90
C LYS B 380 1.86 -9.11 -1.46
N ILE B 381 3.14 -8.86 -1.09
CA ILE B 381 3.60 -7.51 -0.75
C ILE B 381 3.79 -6.81 -2.09
N ALA B 382 3.12 -5.66 -2.31
CA ALA B 382 3.28 -4.91 -3.57
C ALA B 382 4.70 -4.37 -3.71
N LYS B 383 5.19 -4.21 -4.92
CA LYS B 383 6.57 -3.74 -5.14
C LYS B 383 6.85 -2.37 -4.47
N ASN B 384 5.87 -1.46 -4.43
CA ASN B 384 6.02 -0.14 -3.78
C ASN B 384 6.00 -0.29 -2.25
N ALA B 385 5.22 -1.26 -1.72
CA ALA B 385 5.18 -1.53 -0.28
C ALA B 385 6.56 -2.07 0.12
N ALA B 386 7.06 -3.10 -0.62
CA ALA B 386 8.39 -3.68 -0.41
C ALA B 386 9.49 -2.64 -0.50
N ASN B 387 9.38 -1.73 -1.45
CA ASN B 387 10.36 -0.67 -1.65
C ASN B 387 10.39 0.27 -0.45
N LEU B 388 9.23 0.70 0.07
CA LEU B 388 9.19 1.55 1.27
C LEU B 388 9.71 0.78 2.49
N ILE B 389 9.30 -0.51 2.66
CA ILE B 389 9.78 -1.34 3.79
C ILE B 389 11.31 -1.35 3.78
N LYS B 390 11.91 -1.66 2.61
CA LYS B 390 13.36 -1.73 2.47
C LYS B 390 14.05 -0.35 2.66
N LYS B 391 13.40 0.76 2.32
CA LYS B 391 13.98 2.09 2.56
C LYS B 391 13.91 2.50 4.05
N LEU B 392 12.92 1.99 4.78
CA LEU B 392 12.75 2.24 6.22
C LEU B 392 13.68 1.34 7.04
N CYS B 393 13.80 0.06 6.67
CA CYS B 393 14.68 -0.89 7.35
C CYS B 393 16.11 -0.95 6.77
N ARG B 394 16.78 0.22 6.64
CA ARG B 394 18.21 0.33 6.26
C ARG B 394 18.96 0.09 7.53
N ASP B 395 20.03 -0.70 7.51
CA ASP B 395 20.83 -0.99 8.70
C ASP B 395 21.47 0.30 9.24
N ASN B 396 21.98 1.15 8.34
CA ASN B 396 22.61 2.41 8.73
C ASN B 396 21.51 3.42 9.05
N PRO B 397 21.36 3.84 10.33
CA PRO B 397 20.32 4.84 10.66
C PRO B 397 20.30 6.08 9.78
N SER B 398 21.47 6.55 9.37
CA SER B 398 21.64 7.75 8.53
C SER B 398 20.96 7.64 7.15
N GLU B 399 20.82 6.41 6.62
CA GLU B 399 20.24 6.15 5.30
C GLU B 399 18.74 5.92 5.35
N ARG B 400 18.12 5.77 6.54
CA ARG B 400 16.67 5.53 6.62
C ARG B 400 15.79 6.68 6.11
N LEU B 401 14.75 6.33 5.33
CA LEU B 401 13.75 7.26 4.85
C LEU B 401 13.04 7.78 6.11
N GLY B 402 12.86 9.10 6.18
CA GLY B 402 12.30 9.77 7.34
C GLY B 402 13.37 10.55 8.07
N ASN B 403 14.63 10.08 7.96
CA ASN B 403 15.82 10.66 8.59
C ASN B 403 16.74 11.33 7.56
N LEU B 404 16.23 11.61 6.33
CA LEU B 404 17.01 12.29 5.31
C LEU B 404 16.64 13.80 5.37
N LYS B 405 17.10 14.59 4.38
CA LYS B 405 16.91 16.05 4.33
C LYS B 405 15.52 16.55 4.66
N ASN B 406 14.48 16.00 4.00
CA ASN B 406 13.09 16.45 4.20
C ASN B 406 12.33 15.73 5.31
N GLY B 407 13.02 15.03 6.21
CA GLY B 407 12.37 14.36 7.34
C GLY B 407 11.25 13.42 6.94
N VAL B 408 10.13 13.47 7.69
CA VAL B 408 8.97 12.59 7.48
C VAL B 408 8.27 12.85 6.11
N LYS B 409 8.44 14.03 5.47
CA LYS B 409 7.86 14.29 4.15
C LYS B 409 8.29 13.25 3.13
N ASP B 410 9.56 12.79 3.20
CA ASP B 410 10.07 11.77 2.29
C ASP B 410 9.26 10.46 2.37
N ILE B 411 8.75 10.10 3.59
CA ILE B 411 7.92 8.92 3.77
C ILE B 411 6.57 9.21 3.16
N GLN B 412 5.97 10.34 3.57
CA GLN B 412 4.67 10.78 3.08
C GLN B 412 4.59 10.89 1.54
N LYS B 413 5.67 11.33 0.89
CA LYS B 413 5.76 11.48 -0.56
C LYS B 413 6.23 10.21 -1.31
N HIS B 414 6.46 9.07 -0.60
CA HIS B 414 6.85 7.84 -1.26
C HIS B 414 5.77 7.35 -2.24
N LYS B 415 6.18 6.72 -3.36
CA LYS B 415 5.28 6.14 -4.38
C LYS B 415 4.10 5.32 -3.79
N TRP B 416 4.32 4.55 -2.68
CA TRP B 416 3.25 3.75 -2.03
C TRP B 416 2.08 4.61 -1.55
N PHE B 417 2.34 5.89 -1.19
CA PHE B 417 1.31 6.82 -0.73
C PHE B 417 0.65 7.68 -1.86
N GLU B 418 0.93 7.37 -3.16
CA GLU B 418 0.32 8.13 -4.27
C GLU B 418 -1.20 7.94 -4.27
N GLY B 419 -1.92 9.07 -4.24
CA GLY B 419 -3.37 9.06 -4.17
C GLY B 419 -3.94 8.92 -2.77
N PHE B 420 -3.08 8.89 -1.71
CA PHE B 420 -3.55 8.79 -0.32
C PHE B 420 -3.91 10.21 0.13
N ASN B 421 -5.07 10.39 0.73
CA ASN B 421 -5.53 11.71 1.15
C ASN B 421 -5.05 12.10 2.55
N TRP B 422 -3.82 12.68 2.62
CA TRP B 422 -3.23 13.09 3.90
C TRP B 422 -4.03 14.16 4.61
N GLU B 423 -4.59 15.10 3.83
CA GLU B 423 -5.45 16.19 4.34
C GLU B 423 -6.73 15.68 5.01
N GLY B 424 -7.41 14.76 4.31
CA GLY B 424 -8.63 14.12 4.76
C GLY B 424 -8.38 13.28 6.00
N LEU B 425 -7.16 12.68 6.09
CA LEU B 425 -6.79 11.90 7.27
C LEU B 425 -6.63 12.88 8.45
N ARG B 426 -5.80 13.93 8.27
CA ARG B 426 -5.59 14.96 9.30
C ARG B 426 -6.92 15.63 9.74
N LYS B 427 -7.90 15.78 8.81
CA LYS B 427 -9.21 16.40 9.12
C LYS B 427 -10.23 15.42 9.75
N GLY B 428 -10.05 14.12 9.51
CA GLY B 428 -10.93 13.09 10.03
C GLY B 428 -12.07 12.73 9.10
N THR B 429 -11.99 13.16 7.83
CA THR B 429 -13.06 12.92 6.84
C THR B 429 -12.79 11.71 5.97
N LEU B 430 -11.57 11.13 6.06
CA LEU B 430 -11.21 9.96 5.28
C LEU B 430 -11.92 8.77 5.93
N THR B 431 -12.51 7.89 5.13
CA THR B 431 -13.24 6.74 5.65
C THR B 431 -12.26 5.61 6.03
N PRO B 432 -12.20 5.19 7.32
CA PRO B 432 -11.30 4.06 7.67
C PRO B 432 -11.62 2.77 6.95
N PRO B 433 -10.61 1.89 6.77
CA PRO B 433 -10.83 0.60 6.10
C PRO B 433 -11.68 -0.39 6.89
N ILE B 434 -11.64 -0.31 8.23
CA ILE B 434 -12.40 -1.20 9.13
C ILE B 434 -13.22 -0.28 10.05
N ILE B 435 -14.55 -0.36 9.94
CA ILE B 435 -15.49 0.41 10.77
C ILE B 435 -15.84 -0.45 12.00
N PRO B 436 -15.37 -0.10 13.23
CA PRO B 436 -15.68 -0.95 14.39
C PRO B 436 -17.15 -0.83 14.80
N SER B 437 -17.66 -1.86 15.48
CA SER B 437 -19.01 -1.89 16.02
C SER B 437 -18.90 -1.49 17.48
N VAL B 438 -19.38 -0.30 17.85
CA VAL B 438 -19.37 0.23 19.21
C VAL B 438 -20.83 0.60 19.49
N ALA B 439 -21.51 -0.23 20.28
CA ALA B 439 -22.92 -0.03 20.60
C ALA B 439 -23.16 1.20 21.46
N SER B 440 -22.20 1.65 22.28
CA SER B 440 -22.47 2.76 23.22
C SER B 440 -21.15 3.21 23.85
N PRO B 441 -21.15 4.29 24.68
CA PRO B 441 -19.91 4.69 25.38
C PRO B 441 -19.37 3.66 26.37
N THR B 442 -20.14 2.62 26.72
CA THR B 442 -19.74 1.56 27.64
C THR B 442 -19.46 0.23 26.95
N ASP B 443 -19.42 0.19 25.61
CA ASP B 443 -19.18 -1.07 24.90
C ASP B 443 -17.69 -1.45 24.91
N THR B 444 -17.30 -2.48 25.69
CA THR B 444 -15.92 -2.98 25.75
C THR B 444 -15.82 -4.30 24.97
N SER B 445 -16.84 -4.63 24.12
CA SER B 445 -16.86 -5.91 23.39
C SER B 445 -15.72 -6.10 22.36
N ASN B 446 -15.02 -5.00 21.95
CA ASN B 446 -13.89 -5.13 21.03
C ASN B 446 -12.58 -5.48 21.76
N PHE B 447 -12.62 -5.73 23.11
CA PHE B 447 -11.49 -6.16 23.96
C PHE B 447 -11.77 -7.58 24.45
N ASP B 448 -10.72 -8.41 24.59
CA ASP B 448 -10.85 -9.81 25.05
C ASP B 448 -10.66 -9.93 26.58
N GLY B 464 10.19 11.33 46.47
CA GLY B 464 9.04 12.10 46.02
C GLY B 464 8.92 12.22 44.51
N TRP B 465 8.94 11.06 43.80
CA TRP B 465 8.83 11.00 42.34
C TRP B 465 7.37 11.14 41.83
N ASP B 466 6.39 10.95 42.73
CA ASP B 466 4.96 11.09 42.42
C ASP B 466 4.43 12.50 42.75
N ILE B 467 5.30 13.48 43.07
CA ILE B 467 4.90 14.85 43.44
C ILE B 467 3.91 15.49 42.44
N ASP B 468 4.18 15.30 41.13
CA ASP B 468 3.41 15.93 40.06
C ASP B 468 2.17 15.13 39.60
N PHE B 469 1.99 13.88 40.08
CA PHE B 469 0.81 13.07 39.75
C PHE B 469 -0.47 13.59 40.44
PA PCG C . 18.12 -29.51 -5.75
O1A PCG C . 18.36 -28.89 -7.08
O2A PCG C . 18.02 -31.00 -5.85
O5' PCG C . 19.26 -29.17 -4.72
C5' PCG C . 19.39 -27.79 -4.27
C4' PCG C . 18.05 -27.50 -3.65
O4' PCG C . 17.83 -26.16 -3.15
C3' PCG C . 16.92 -27.63 -4.67
O3' PCG C . 16.78 -28.98 -5.11
C2' PCG C . 15.73 -27.04 -3.90
O2' PCG C . 15.04 -28.04 -3.15
C1' PCG C . 16.43 -26.00 -2.98
N9 PCG C . 16.07 -24.63 -3.32
C8 PCG C . 15.46 -23.74 -2.48
N7 PCG C . 15.14 -22.61 -3.06
C5 PCG C . 15.51 -22.78 -4.37
C6 PCG C . 15.36 -21.95 -5.50
O6 PCG C . 14.89 -20.81 -5.49
N1 PCG C . 15.87 -22.49 -6.66
C2 PCG C . 16.44 -23.73 -6.75
N2 PCG C . 16.90 -24.10 -7.94
N3 PCG C . 16.56 -24.56 -5.71
C4 PCG C . 16.09 -24.02 -4.56
PG ATP D . -3.84 3.48 -28.99
O1G ATP D . -3.52 4.31 -30.20
O2G ATP D . -5.25 2.86 -29.01
O3G ATP D . -3.66 4.26 -27.66
PB ATP D . -1.47 1.82 -29.54
O1B ATP D . -1.27 0.36 -29.60
O2B ATP D . -1.35 2.52 -30.89
O3B ATP D . -2.87 2.21 -28.90
PA ATP D . 1.12 2.47 -28.37
O1A ATP D . 1.47 1.51 -27.29
O2A ATP D . 1.64 3.92 -28.29
O3A ATP D . -0.46 2.54 -28.53
O5' ATP D . 1.46 1.94 -29.84
C5' ATP D . 2.72 1.96 -30.51
C4' ATP D . 3.07 0.59 -31.04
O4' ATP D . 4.42 0.25 -30.62
C3' ATP D . 2.24 -0.59 -30.58
O3' ATP D . 0.99 -0.70 -31.25
C2' ATP D . 3.17 -1.76 -30.90
O2' ATP D . 3.22 -2.01 -32.30
C1' ATP D . 4.53 -1.16 -30.50
N9 ATP D . 4.94 -1.50 -29.13
C8 ATP D . 4.37 -1.11 -27.96
N7 ATP D . 4.96 -1.58 -26.88
C5 ATP D . 6.01 -2.34 -27.39
C6 ATP D . 7.00 -3.13 -26.78
N6 ATP D . 7.12 -3.25 -25.45
N1 ATP D . 7.88 -3.77 -27.58
C2 ATP D . 7.77 -3.62 -28.90
N3 ATP D . 6.87 -2.92 -29.60
C4 ATP D . 6.01 -2.30 -28.79
C1 EDO E . 12.08 -25.50 -2.71
O1 EDO E . 12.65 -26.57 -3.42
C2 EDO E . 12.31 -25.75 -1.22
O2 EDO E . 13.68 -25.70 -0.91
C1 EDO F . 7.21 -17.78 -20.67
O1 EDO F . 7.41 -16.55 -21.40
C2 EDO F . 8.52 -18.19 -19.95
O2 EDO F . 9.62 -18.30 -20.88
PA PCG G . -17.74 33.17 7.86
O1A PCG G . -18.17 31.81 8.27
O2A PCG G . -18.17 33.47 6.47
O5' PCG G . -18.33 34.29 8.81
C5' PCG G . -17.85 34.35 10.18
C4' PCG G . -16.36 34.55 10.02
O4' PCG G . -15.57 34.60 11.23
C3' PCG G . -15.71 33.38 9.30
O3' PCG G . -16.18 33.31 7.93
C2' PCG G . -14.22 33.67 9.49
O2' PCG G . -13.70 34.50 8.45
C1' PCG G . -14.22 34.39 10.86
N9 PCG G . -13.55 33.62 11.90
C8 PCG G . -12.45 34.03 12.62
N7 PCG G . -11.96 33.11 13.41
C5 PCG G . -12.75 32.00 13.18
C6 PCG G . -12.68 30.67 13.69
O6 PCG G . -11.88 30.24 14.52
N1 PCG G . -13.68 29.85 13.18
C2 PCG G . -14.64 30.24 12.27
N2 PCG G . -15.54 29.31 11.90
N3 PCG G . -14.69 31.46 11.74
C4 PCG G . -13.74 32.29 12.24
PG ATP H . 2.65 -3.68 29.58
O1G ATP H . 2.82 -4.89 30.45
O2G ATP H . 3.89 -3.27 28.79
O3G ATP H . 2.25 -2.44 30.38
PB ATP H . 0.36 -3.25 27.78
O1B ATP H . 0.76 -2.53 26.51
O2B ATP H . -0.77 -4.31 27.61
O3B ATP H . 1.58 -4.02 28.44
PA ATP H . -1.27 -1.41 29.51
O1A ATP H . -1.43 -0.18 28.69
O2A ATP H . -1.06 -1.29 31.03
O3A ATP H . -0.03 -2.27 28.97
O5' ATP H . -2.46 -2.45 29.26
C5' ATP H . -3.84 -2.10 29.42
C4' ATP H . -4.66 -2.59 28.27
O4' ATP H . -5.90 -1.85 28.27
C3' ATP H . -4.06 -2.41 26.88
O3' ATP H . -3.38 -3.59 26.50
C2' ATP H . -5.30 -2.14 26.01
O2' ATP H . -6.02 -3.29 25.58
C1' ATP H . -6.21 -1.39 26.97
N9 ATP H . -6.08 0.06 26.92
C8 ATP H . -5.03 0.84 27.36
N7 ATP H . -5.21 2.12 27.19
C5 ATP H . -6.47 2.20 26.60
C6 ATP H . -7.24 3.29 26.16
N6 ATP H . -6.85 4.57 26.26
N1 ATP H . -8.45 3.03 25.61
C2 ATP H . -8.86 1.76 25.54
N3 ATP H . -8.21 0.65 25.91
C4 ATP H . -7.01 0.94 26.43
C1 EDO I . -10.03 34.83 10.24
O1 EDO I . -11.12 35.72 10.08
C2 EDO I . -9.94 33.97 8.95
O2 EDO I . -11.17 33.27 8.74
CL CL J . -11.89 62.36 -1.41
#